data_9EX5
#
_entry.id   9EX5
#
_cell.length_a   76.995
_cell.length_b   133.449
_cell.length_c   285.527
_cell.angle_alpha   90
_cell.angle_beta   90
_cell.angle_gamma   90
#
_symmetry.space_group_name_H-M   'C 2 2 21'
#
loop_
_entity.id
_entity.type
_entity.pdbx_description
1 polymer 'Clathrin heavy chain'
2 polymer Epsin-5
3 water water
#
loop_
_entity_poly.entity_id
_entity_poly.type
_entity_poly.pdbx_seq_one_letter_code
_entity_poly.pdbx_strand_id
1 'polypeptide(L)'
;GAMAMSDLPIEFTELVDLMSLGISPQFLDFRSTTFESDHFVTVRETKDGTNSVAIVDLAKGNEVTRKNMGGDSAIMHPSQ
MVISVRANGTIVQIFNLETKSKLKSFTLDEPVIFWRWLSETTLGFVTARSILTSNVFDGNVNAKPQLLTLRHANLNNTQI
INFVANKNLDWFAVVGILQENGRIAGRIQLFSKQRNISQAIDGHVAIFTNILLEGNGSTPVQVFVTGNRNATTGAGELRI
IEIDHDASLPSQYQKETTDIFFPPDATNDFPIAVQVSEKYGIIYLLTKYGFIHLYELETGTNLFVNRITAESVFTAAPYN
HENGIACINKKGQVLAVEISTSQIVPYILNKLSNVALALIVATRGGLPGADDL
;
A,B,C
2 'polypeptide(L)' IPDLIDLDD D,E,F,G,H,I,J,L,M
#
# COMPACT_ATOMS: atom_id res chain seq x y z
N LEU A 8 -28.24 -4.53 -6.22
CA LEU A 8 -29.21 -4.29 -7.33
C LEU A 8 -28.92 -2.96 -8.01
N PRO A 9 -28.84 -1.82 -7.32
CA PRO A 9 -28.56 -0.55 -7.99
C PRO A 9 -27.07 -0.30 -8.31
N ILE A 10 -26.21 -1.30 -8.10
CA ILE A 10 -24.78 -1.15 -8.36
C ILE A 10 -24.23 -2.41 -9.02
N GLU A 11 -23.16 -2.24 -9.79
CA GLU A 11 -22.32 -3.31 -10.29
C GLU A 11 -21.07 -3.41 -9.41
N PHE A 12 -20.77 -4.64 -8.95
CA PHE A 12 -19.68 -4.89 -8.01
C PHE A 12 -18.80 -5.95 -8.66
N THR A 13 -17.53 -5.65 -8.92
CA THR A 13 -16.66 -6.54 -9.68
C THR A 13 -15.24 -6.53 -9.07
N GLU A 14 -14.45 -7.56 -9.41
CA GLU A 14 -13.04 -7.62 -9.07
C GLU A 14 -12.24 -7.30 -10.33
N LEU A 15 -11.35 -6.30 -10.22
CA LEU A 15 -10.50 -5.87 -11.32
C LEU A 15 -9.28 -6.76 -11.41
N VAL A 16 -8.66 -7.08 -10.27
CA VAL A 16 -7.48 -7.94 -10.24
C VAL A 16 -7.29 -8.48 -8.82
N ASP A 17 -6.67 -9.67 -8.74
CA ASP A 17 -6.23 -10.25 -7.49
C ASP A 17 -4.70 -10.17 -7.45
N LEU A 18 -4.15 -9.30 -6.59
CA LEU A 18 -2.73 -9.01 -6.62
C LEU A 18 -1.89 -10.19 -6.13
N MET A 19 -2.42 -10.98 -5.20
CA MET A 19 -1.72 -12.19 -4.74
C MET A 19 -1.61 -13.21 -5.88
N SER A 20 -2.58 -13.19 -6.80
CA SER A 20 -2.56 -14.06 -7.97
C SER A 20 -1.42 -13.69 -8.92
N LEU A 21 -0.96 -12.44 -8.87
CA LEU A 21 0.16 -11.98 -9.71
C LEU A 21 1.50 -12.18 -9.02
N GLY A 22 1.49 -12.79 -7.82
CA GLY A 22 2.71 -13.15 -7.11
C GLY A 22 3.22 -12.04 -6.16
N ILE A 23 2.36 -11.09 -5.77
CA ILE A 23 2.79 -10.06 -4.84
C ILE A 23 2.60 -10.57 -3.42
N SER A 24 3.67 -10.52 -2.62
CA SER A 24 3.67 -10.95 -1.23
C SER A 24 2.79 -10.03 -0.38
N PRO A 25 2.13 -10.54 0.68
CA PRO A 25 1.25 -9.74 1.54
C PRO A 25 1.95 -8.58 2.24
N GLN A 26 3.26 -8.71 2.47
CA GLN A 26 4.01 -7.71 3.20
C GLN A 26 4.04 -6.40 2.39
N PHE A 27 3.77 -6.46 1.07
CA PHE A 27 3.76 -5.26 0.23
C PHE A 27 2.36 -4.74 -0.11
N LEU A 28 1.30 -5.45 0.28
CA LEU A 28 -0.07 -5.08 -0.06
C LEU A 28 -0.66 -4.23 1.05
N ASP A 29 -0.14 -3.01 1.16
CA ASP A 29 -0.62 -2.07 2.15
C ASP A 29 -0.22 -0.68 1.69
N PHE A 30 -0.62 0.30 2.51
CA PHE A 30 -0.46 1.70 2.16
C PHE A 30 1.02 2.06 2.02
N ARG A 31 1.92 1.36 2.71
CA ARG A 31 3.34 1.68 2.65
C ARG A 31 3.90 1.43 1.24
N SER A 32 3.47 0.37 0.55
CA SER A 32 4.16 -0.09 -0.66
C SER A 32 3.29 -0.06 -1.92
N THR A 33 1.96 -0.03 -1.81
CA THR A 33 1.08 -0.14 -2.97
C THR A 33 0.33 1.18 -3.16
N THR A 34 0.42 1.75 -4.37
CA THR A 34 -0.25 3.01 -4.69
C THR A 34 -1.19 2.80 -5.87
N PHE A 35 -2.22 3.65 -5.92
CA PHE A 35 -3.33 3.55 -6.87
C PHE A 35 -3.78 4.97 -7.18
N GLU A 36 -3.15 5.58 -8.19
CA GLU A 36 -3.35 7.00 -8.50
C GLU A 36 -4.58 7.15 -9.38
N SER A 37 -4.93 6.06 -10.07
CA SER A 37 -6.09 5.98 -10.94
C SER A 37 -6.37 4.51 -11.21
N ASP A 38 -7.47 4.24 -11.92
CA ASP A 38 -7.84 2.87 -12.26
C ASP A 38 -6.97 2.32 -13.40
N HIS A 39 -5.96 3.08 -13.87
CA HIS A 39 -5.14 2.64 -14.98
C HIS A 39 -4.05 1.68 -14.50
N PHE A 40 -3.43 1.98 -13.35
CA PHE A 40 -2.24 1.28 -12.89
C PHE A 40 -2.31 1.02 -11.39
N VAL A 41 -1.81 -0.14 -10.97
CA VAL A 41 -1.42 -0.36 -9.60
C VAL A 41 0.11 -0.53 -9.56
N THR A 42 0.76 0.18 -8.64
CA THR A 42 2.22 0.05 -8.50
C THR A 42 2.53 -0.53 -7.12
N VAL A 43 3.32 -1.61 -7.09
CA VAL A 43 3.77 -2.18 -5.84
C VAL A 43 5.28 -2.06 -5.75
N ARG A 44 5.79 -1.30 -4.77
CA ARG A 44 7.19 -1.37 -4.41
C ARG A 44 7.44 -2.67 -3.66
N GLU A 45 8.47 -3.42 -4.06
CA GLU A 45 8.90 -4.61 -3.36
C GLU A 45 10.39 -4.48 -3.01
N THR A 46 10.86 -5.39 -2.18
CA THR A 46 12.25 -5.41 -1.70
C THR A 46 12.61 -6.88 -1.54
N LYS A 47 13.85 -7.24 -1.89
CA LYS A 47 14.34 -8.59 -1.77
C LYS A 47 15.86 -8.55 -1.60
N ASP A 48 16.35 -9.05 -0.47
CA ASP A 48 17.80 -9.13 -0.23
C ASP A 48 18.47 -7.77 -0.49
N GLY A 49 17.83 -6.70 0.01
CA GLY A 49 18.38 -5.36 -0.08
C GLY A 49 18.05 -4.62 -1.36
N THR A 50 17.51 -5.31 -2.39
CA THR A 50 17.28 -4.68 -3.69
C THR A 50 15.81 -4.31 -3.84
N ASN A 51 15.53 -3.05 -4.21
CA ASN A 51 14.16 -2.60 -4.45
C ASN A 51 13.76 -2.88 -5.90
N SER A 52 12.45 -2.97 -6.11
CA SER A 52 11.90 -3.24 -7.43
C SER A 52 10.46 -2.72 -7.44
N VAL A 53 9.91 -2.63 -8.65
CA VAL A 53 8.57 -2.13 -8.88
C VAL A 53 7.87 -3.17 -9.72
N ALA A 54 6.64 -3.51 -9.31
CA ALA A 54 5.70 -4.25 -10.14
C ALA A 54 4.60 -3.28 -10.56
N ILE A 55 4.55 -2.97 -11.86
CA ILE A 55 3.52 -2.09 -12.39
C ILE A 55 2.43 -2.94 -13.05
N VAL A 56 1.22 -2.88 -12.48
CA VAL A 56 0.07 -3.62 -13.02
C VAL A 56 -0.77 -2.67 -13.85
N ASP A 57 -0.86 -2.95 -15.16
CA ASP A 57 -1.61 -2.12 -16.10
C ASP A 57 -3.02 -2.68 -16.28
N LEU A 58 -3.99 -2.07 -15.59
CA LEU A 58 -5.37 -2.54 -15.57
C LEU A 58 -6.03 -2.36 -16.94
N ALA A 59 -5.50 -1.47 -17.78
CA ALA A 59 -6.02 -1.25 -19.13
C ALA A 59 -5.48 -2.26 -20.14
N LYS A 60 -4.56 -3.17 -19.76
CA LYS A 60 -4.01 -4.17 -20.66
C LYS A 60 -4.04 -5.57 -20.03
N GLY A 61 -5.21 -5.98 -19.53
CA GLY A 61 -5.39 -7.33 -19.01
C GLY A 61 -4.58 -7.62 -17.76
N ASN A 62 -4.29 -6.59 -16.95
CA ASN A 62 -3.45 -6.75 -15.76
C ASN A 62 -2.04 -7.21 -16.13
N GLU A 63 -1.50 -6.69 -17.25
CA GLU A 63 -0.12 -6.95 -17.65
C GLU A 63 0.84 -6.35 -16.61
N VAL A 64 1.85 -7.11 -16.16
CA VAL A 64 2.73 -6.69 -15.06
C VAL A 64 4.12 -6.40 -15.60
N THR A 65 4.61 -5.17 -15.38
CA THR A 65 6.00 -4.81 -15.64
C THR A 65 6.77 -4.87 -14.32
N ARG A 66 7.84 -5.66 -14.30
CA ARG A 66 8.67 -5.86 -13.13
C ARG A 66 10.09 -5.38 -13.44
N LYS A 67 10.55 -4.35 -12.72
CA LYS A 67 11.88 -3.77 -12.89
C LYS A 67 12.52 -3.48 -11.55
N ASN A 68 13.82 -3.75 -11.40
CA ASN A 68 14.59 -3.25 -10.27
C ASN A 68 14.59 -1.72 -10.33
N MET A 69 14.70 -1.07 -9.16
CA MET A 69 14.89 0.36 -9.06
C MET A 69 15.74 0.70 -7.83
N GLY A 70 16.27 1.92 -7.80
CA GLY A 70 17.11 2.40 -6.72
C GLY A 70 16.31 3.11 -5.62
N GLY A 71 15.11 3.58 -5.95
CA GLY A 71 14.29 4.25 -4.96
C GLY A 71 13.49 3.25 -4.12
N ASP A 72 12.77 3.77 -3.11
CA ASP A 72 11.99 2.96 -2.20
C ASP A 72 10.52 3.38 -2.24
N SER A 73 10.16 4.23 -3.20
CA SER A 73 8.78 4.64 -3.40
C SER A 73 8.59 4.99 -4.88
N ALA A 74 7.45 4.60 -5.45
CA ALA A 74 7.18 4.80 -6.87
C ALA A 74 5.67 4.87 -7.10
N ILE A 75 5.26 5.80 -7.95
CA ILE A 75 3.85 5.96 -8.34
C ILE A 75 3.76 6.12 -9.85
N MET A 76 2.61 5.76 -10.43
CA MET A 76 2.34 6.01 -11.83
C MET A 76 1.43 7.22 -12.03
N HIS A 77 1.56 7.85 -13.19
CA HIS A 77 0.68 8.92 -13.64
C HIS A 77 -0.74 8.35 -13.85
N PRO A 78 -1.81 9.18 -13.71
CA PRO A 78 -3.19 8.70 -13.86
C PRO A 78 -3.52 8.02 -15.17
N SER A 79 -2.86 8.43 -16.26
CA SER A 79 -3.19 7.95 -17.59
C SER A 79 -1.96 7.55 -18.40
N GLN A 80 -0.84 8.29 -18.28
CA GLN A 80 0.33 8.06 -19.11
C GLN A 80 1.31 7.10 -18.45
N MET A 81 2.21 6.53 -19.26
CA MET A 81 3.25 5.66 -18.76
C MET A 81 4.41 6.50 -18.25
N VAL A 82 4.17 7.20 -17.14
CA VAL A 82 5.13 8.12 -16.53
C VAL A 82 5.26 7.71 -15.05
N ILE A 83 6.48 7.32 -14.69
CA ILE A 83 6.76 6.84 -13.34
C ILE A 83 7.56 7.89 -12.59
N SER A 84 7.20 8.06 -11.32
CA SER A 84 7.89 8.93 -10.38
C SER A 84 8.49 8.08 -9.26
N VAL A 85 9.79 8.27 -9.01
CA VAL A 85 10.55 7.42 -8.10
C VAL A 85 11.25 8.32 -7.09
N ARG A 86 11.36 7.86 -5.84
CA ARG A 86 12.01 8.65 -4.80
C ARG A 86 13.01 7.82 -3.99
N ALA A 87 14.14 8.43 -3.61
CA ALA A 87 15.15 7.82 -2.76
C ALA A 87 15.62 8.81 -1.69
N ASN A 88 16.07 8.29 -0.54
CA ASN A 88 16.68 9.09 0.51
C ASN A 88 15.78 10.23 0.98
N GLY A 89 14.46 10.05 0.85
CA GLY A 89 13.49 11.06 1.24
C GLY A 89 13.36 12.23 0.26
N THR A 90 14.47 12.73 -0.29
CA THR A 90 14.50 14.03 -0.91
C THR A 90 14.72 13.95 -2.42
N ILE A 91 15.19 12.81 -2.93
CA ILE A 91 15.66 12.73 -4.30
C ILE A 91 14.51 12.16 -5.15
N VAL A 92 14.08 12.93 -6.15
CA VAL A 92 12.95 12.54 -6.98
C VAL A 92 13.38 12.56 -8.44
N GLN A 93 13.00 11.51 -9.17
CA GLN A 93 13.22 11.43 -10.60
C GLN A 93 11.95 10.92 -11.25
N ILE A 94 11.63 11.46 -12.42
CA ILE A 94 10.37 11.16 -13.09
C ILE A 94 10.70 10.85 -14.55
N PHE A 95 10.22 9.68 -15.03
CA PHE A 95 10.61 9.17 -16.34
C PHE A 95 9.36 8.81 -17.14
N ASN A 96 9.42 9.10 -18.44
CA ASN A 96 8.50 8.54 -19.42
C ASN A 96 9.02 7.16 -19.86
N LEU A 97 8.25 6.11 -19.57
CA LEU A 97 8.65 4.75 -19.82
C LEU A 97 8.71 4.41 -21.32
N GLU A 98 7.91 5.11 -22.14
CA GLU A 98 7.87 4.85 -23.57
C GLU A 98 9.03 5.51 -24.30
N THR A 99 9.23 6.82 -24.08
CA THR A 99 10.25 7.59 -24.77
C THR A 99 11.59 7.49 -24.04
N LYS A 100 11.58 6.99 -22.80
CA LYS A 100 12.79 6.80 -22.00
C LYS A 100 13.29 8.14 -21.45
N SER A 101 12.51 9.22 -21.63
CA SER A 101 12.97 10.56 -21.30
C SER A 101 12.83 10.85 -19.81
N LYS A 102 13.78 11.62 -19.27
CA LYS A 102 13.74 12.06 -17.89
C LYS A 102 13.01 13.40 -17.85
N LEU A 103 11.84 13.45 -17.19
CA LEU A 103 11.03 14.65 -17.18
C LEU A 103 11.44 15.56 -16.02
N LYS A 104 11.80 14.96 -14.89
CA LYS A 104 12.17 15.73 -13.72
C LYS A 104 13.28 14.99 -12.97
N SER A 105 14.16 15.78 -12.37
CA SER A 105 15.24 15.31 -11.51
C SER A 105 15.62 16.42 -10.54
N PHE A 106 15.24 16.29 -9.27
CA PHE A 106 15.54 17.29 -8.27
C PHE A 106 15.66 16.66 -6.89
N THR A 107 16.14 17.47 -5.94
CA THR A 107 16.24 17.15 -4.53
C THR A 107 15.41 18.16 -3.74
N LEU A 108 14.47 17.68 -2.92
CA LEU A 108 13.71 18.58 -2.05
C LEU A 108 14.57 18.98 -0.85
N ASP A 109 14.17 20.05 -0.18
CA ASP A 109 14.82 20.56 1.01
C ASP A 109 14.53 19.66 2.21
N GLU A 110 13.40 18.95 2.21
CA GLU A 110 12.97 18.13 3.32
C GLU A 110 12.42 16.82 2.76
N PRO A 111 12.51 15.68 3.49
CA PRO A 111 11.98 14.41 3.02
C PRO A 111 10.48 14.45 2.70
N VAL A 112 10.10 13.80 1.59
CA VAL A 112 8.71 13.59 1.21
C VAL A 112 8.13 12.49 2.09
N ILE A 113 6.98 12.74 2.73
CA ILE A 113 6.34 11.69 3.50
C ILE A 113 5.00 11.32 2.88
N PHE A 114 4.56 12.04 1.84
CA PHE A 114 3.35 11.68 1.12
C PHE A 114 3.38 12.34 -0.24
N TRP A 115 2.95 11.63 -1.27
CA TRP A 115 2.74 12.25 -2.56
C TRP A 115 1.59 11.57 -3.30
N ARG A 116 1.05 12.32 -4.26
CA ARG A 116 -0.06 11.89 -5.08
C ARG A 116 -0.23 12.89 -6.22
N TRP A 117 -0.58 12.35 -7.39
CA TRP A 117 -0.99 13.17 -8.52
C TRP A 117 -2.25 13.95 -8.16
N LEU A 118 -2.21 15.26 -8.39
CA LEU A 118 -3.33 16.15 -8.11
C LEU A 118 -4.22 16.30 -9.34
N SER A 119 -3.63 16.15 -10.54
CA SER A 119 -4.30 16.29 -11.82
C SER A 119 -3.42 15.60 -12.85
N GLU A 120 -3.77 15.74 -14.13
CA GLU A 120 -2.96 15.23 -15.22
C GLU A 120 -1.62 15.98 -15.37
N THR A 121 -1.53 17.21 -14.83
CA THR A 121 -0.36 18.06 -15.06
C THR A 121 0.53 18.09 -13.84
N THR A 122 -0.03 17.88 -12.64
CA THR A 122 0.60 18.39 -11.44
C THR A 122 0.70 17.30 -10.37
N LEU A 123 1.93 17.11 -9.86
CA LEU A 123 2.22 16.17 -8.79
C LEU A 123 2.34 16.92 -7.47
N GLY A 124 1.73 16.39 -6.40
CA GLY A 124 1.70 17.02 -5.09
C GLY A 124 2.58 16.28 -4.08
N PHE A 125 3.21 17.07 -3.21
CA PHE A 125 4.17 16.55 -2.24
C PHE A 125 3.82 17.11 -0.87
N VAL A 126 3.95 16.28 0.17
CA VAL A 126 3.84 16.76 1.53
C VAL A 126 5.08 16.29 2.28
N THR A 127 5.73 17.24 2.99
CA THR A 127 6.87 16.94 3.85
C THR A 127 6.41 17.08 5.29
N ALA A 128 7.36 16.96 6.21
CA ALA A 128 7.12 17.17 7.63
C ALA A 128 6.49 18.54 7.87
N ARG A 129 6.91 19.59 7.13
CA ARG A 129 6.41 20.92 7.43
C ARG A 129 5.83 21.67 6.22
N SER A 130 5.83 21.09 5.02
CA SER A 130 5.53 21.86 3.82
C SER A 130 4.64 21.08 2.86
N ILE A 131 3.93 21.82 2.01
CA ILE A 131 3.08 21.29 0.95
C ILE A 131 3.51 21.94 -0.37
N LEU A 132 3.83 21.12 -1.38
CA LEU A 132 4.45 21.60 -2.60
C LEU A 132 3.80 20.91 -3.81
N THR A 133 3.98 21.51 -5.01
CA THR A 133 3.52 20.91 -6.24
C THR A 133 4.58 21.05 -7.33
N SER A 134 4.55 20.14 -8.30
CA SER A 134 5.46 20.17 -9.44
C SER A 134 4.65 20.08 -10.73
N ASN A 135 4.91 21.01 -11.65
CA ASN A 135 4.39 20.95 -13.00
C ASN A 135 5.30 20.03 -13.81
N VAL A 136 4.99 18.74 -13.80
CA VAL A 136 5.93 17.72 -14.22
C VAL A 136 6.25 17.78 -15.72
N PHE A 137 5.30 18.26 -16.54
CA PHE A 137 5.47 18.26 -17.99
C PHE A 137 5.87 19.63 -18.54
N ASP A 138 6.36 20.56 -17.72
CA ASP A 138 6.71 21.89 -18.23
C ASP A 138 8.10 21.90 -18.85
N GLY A 139 8.88 20.80 -18.76
CA GLY A 139 10.14 20.70 -19.48
C GLY A 139 11.33 21.29 -18.71
N ASN A 140 11.12 21.82 -17.50
CA ASN A 140 12.21 22.33 -16.68
C ASN A 140 12.68 21.20 -15.78
N VAL A 141 13.66 20.44 -16.25
CA VAL A 141 13.93 19.12 -15.68
C VAL A 141 14.37 19.26 -14.22
N ASN A 142 15.17 20.29 -13.89
CA ASN A 142 15.79 20.39 -12.59
C ASN A 142 15.06 21.34 -11.64
N ALA A 143 13.93 21.91 -12.06
CA ALA A 143 13.21 22.84 -11.20
C ALA A 143 12.57 22.10 -10.02
N LYS A 144 12.85 22.57 -8.79
CA LYS A 144 12.27 22.02 -7.58
C LYS A 144 10.77 22.33 -7.47
N PRO A 145 9.99 21.52 -6.72
CA PRO A 145 8.58 21.79 -6.48
C PRO A 145 8.39 23.17 -5.86
N GLN A 146 7.29 23.83 -6.21
CA GLN A 146 7.00 25.14 -5.67
C GLN A 146 6.25 24.99 -4.35
N LEU A 147 6.58 25.84 -3.37
CA LEU A 147 5.90 25.79 -2.08
C LEU A 147 4.47 26.31 -2.27
N LEU A 148 3.48 25.51 -1.89
CA LEU A 148 2.10 25.94 -1.91
C LEU A 148 1.81 26.67 -0.59
N THR A 149 2.08 26.00 0.54
CA THR A 149 1.87 26.55 1.86
C THR A 149 2.60 25.67 2.88
N LEU A 150 2.89 26.24 4.04
CA LEU A 150 3.35 25.49 5.19
C LEU A 150 2.17 24.71 5.75
N ARG A 151 2.46 23.51 6.27
CA ARG A 151 1.48 22.76 7.03
C ARG A 151 1.15 23.53 8.30
N HIS A 152 -0.11 23.49 8.71
CA HIS A 152 -0.57 24.12 9.94
C HIS A 152 -0.58 23.09 11.07
N ALA A 153 -0.76 23.58 12.30
CA ALA A 153 -0.69 22.79 13.52
C ALA A 153 -1.74 21.67 13.59
N ASN A 154 -2.88 21.83 12.89
CA ASN A 154 -3.94 20.85 12.94
C ASN A 154 -3.50 19.52 12.34
N LEU A 155 -2.48 19.53 11.45
CA LEU A 155 -1.93 18.29 10.89
C LEU A 155 -0.76 17.73 11.72
N ASN A 156 -0.44 18.36 12.87
CA ASN A 156 0.65 17.88 13.71
C ASN A 156 0.37 16.47 14.21
N ASN A 157 1.42 15.63 14.20
CA ASN A 157 1.35 14.30 14.76
C ASN A 157 0.36 13.40 14.02
N THR A 158 0.11 13.69 12.74
CA THR A 158 -0.77 12.87 11.92
C THR A 158 0.07 12.05 10.96
N GLN A 159 -0.53 10.96 10.48
CA GLN A 159 -0.05 10.32 9.26
C GLN A 159 -0.82 10.94 8.09
N ILE A 160 -0.08 11.50 7.11
CA ILE A 160 -0.69 12.13 5.96
C ILE A 160 -1.09 11.03 4.98
N ILE A 161 -2.37 11.03 4.57
CA ILE A 161 -2.92 9.92 3.77
C ILE A 161 -3.56 10.41 2.48
N ASN A 162 -3.72 11.71 2.29
CA ASN A 162 -4.24 12.20 1.03
C ASN A 162 -3.89 13.67 0.80
N PHE A 163 -3.92 14.01 -0.49
CA PHE A 163 -3.68 15.36 -0.99
C PHE A 163 -4.50 15.44 -2.28
N VAL A 164 -5.48 16.35 -2.31
CA VAL A 164 -6.38 16.49 -3.43
C VAL A 164 -6.50 17.97 -3.81
N ALA A 165 -6.91 18.20 -5.07
CA ALA A 165 -7.09 19.55 -5.57
C ALA A 165 -8.25 19.59 -6.55
N ASN A 166 -8.73 20.79 -6.85
CA ASN A 166 -9.67 20.98 -7.94
C ASN A 166 -8.89 21.01 -9.24
N LYS A 167 -9.60 20.88 -10.37
CA LYS A 167 -8.96 20.89 -11.68
C LYS A 167 -8.23 22.21 -11.92
N ASN A 168 -8.80 23.32 -11.44
CA ASN A 168 -8.20 24.64 -11.57
C ASN A 168 -6.91 24.78 -10.73
N LEU A 169 -6.64 23.87 -9.81
CA LEU A 169 -5.45 23.92 -9.00
C LEU A 169 -5.36 25.24 -8.23
N ASP A 170 -6.48 25.67 -7.65
CA ASP A 170 -6.47 26.84 -6.77
C ASP A 170 -7.17 26.52 -5.45
N TRP A 171 -7.69 25.30 -5.28
CA TRP A 171 -8.19 24.83 -4.00
C TRP A 171 -7.59 23.46 -3.75
N PHE A 172 -7.22 23.22 -2.49
CA PHE A 172 -6.43 22.05 -2.13
C PHE A 172 -6.88 21.58 -0.76
N ALA A 173 -6.73 20.28 -0.51
CA ALA A 173 -6.95 19.73 0.83
C ALA A 173 -5.92 18.64 1.08
N VAL A 174 -5.33 18.67 2.27
CA VAL A 174 -4.39 17.67 2.74
C VAL A 174 -5.03 17.01 3.95
N VAL A 175 -5.05 15.69 3.94
CA VAL A 175 -5.70 14.90 4.97
C VAL A 175 -4.65 14.16 5.80
N GLY A 176 -4.72 14.33 7.13
CA GLY A 176 -3.97 13.52 8.06
C GLY A 176 -4.89 12.82 9.05
N ILE A 177 -4.47 11.62 9.52
CA ILE A 177 -5.18 10.95 10.60
C ILE A 177 -4.27 10.81 11.81
N LEU A 178 -4.88 10.81 12.99
CA LEU A 178 -4.17 10.44 14.21
C LEU A 178 -5.10 9.59 15.06
N GLN A 179 -4.49 8.77 15.92
CA GLN A 179 -5.23 8.00 16.88
C GLN A 179 -5.42 8.84 18.13
N GLU A 180 -6.68 8.97 18.56
CA GLU A 180 -7.02 9.80 19.69
C GLU A 180 -8.00 9.03 20.56
N ASN A 181 -7.59 8.68 21.76
CA ASN A 181 -8.41 7.92 22.68
C ASN A 181 -8.92 6.64 22.01
N GLY A 182 -8.02 5.97 21.27
CA GLY A 182 -8.29 4.66 20.68
C GLY A 182 -9.22 4.71 19.47
N ARG A 183 -9.46 5.89 18.88
CA ARG A 183 -10.26 6.02 17.68
C ARG A 183 -9.48 6.86 16.67
N ILE A 184 -9.70 6.62 15.37
CA ILE A 184 -8.99 7.36 14.35
C ILE A 184 -9.73 8.66 14.09
N ALA A 185 -9.10 9.78 14.43
CA ALA A 185 -9.58 11.11 14.10
C ALA A 185 -8.93 11.58 12.79
N GLY A 186 -9.66 12.40 12.05
CA GLY A 186 -9.24 12.94 10.77
C GLY A 186 -9.13 14.47 10.82
N ARG A 187 -8.06 15.00 10.23
CA ARG A 187 -7.78 16.43 10.24
C ARG A 187 -7.48 16.82 8.81
N ILE A 188 -8.06 17.93 8.35
CA ILE A 188 -7.87 18.39 6.99
C ILE A 188 -7.41 19.83 7.01
N GLN A 189 -6.33 20.10 6.27
CA GLN A 189 -5.93 21.46 5.94
C GLN A 189 -6.48 21.82 4.55
N LEU A 190 -7.47 22.73 4.53
CA LEU A 190 -8.06 23.23 3.31
C LEU A 190 -7.34 24.52 2.97
N PHE A 191 -6.92 24.67 1.72
CA PHE A 191 -6.11 25.81 1.32
C PHE A 191 -6.68 26.41 0.05
N SER A 192 -6.93 27.73 0.13
CA SER A 192 -7.29 28.51 -1.05
C SER A 192 -6.07 29.29 -1.51
N LYS A 193 -5.59 28.95 -2.70
CA LYS A 193 -4.43 29.62 -3.27
C LYS A 193 -4.74 31.08 -3.57
N GLN A 194 -5.97 31.38 -3.97
CA GLN A 194 -6.32 32.74 -4.38
C GLN A 194 -6.26 33.68 -3.18
N ARG A 195 -6.70 33.24 -2.00
CA ARG A 195 -6.69 34.09 -0.82
C ARG A 195 -5.42 33.85 0.02
N ASN A 196 -4.66 32.81 -0.32
CA ASN A 196 -3.49 32.42 0.45
C ASN A 196 -3.84 32.24 1.93
N ILE A 197 -4.90 31.46 2.21
CA ILE A 197 -5.42 31.25 3.56
C ILE A 197 -5.75 29.77 3.71
N SER A 198 -5.45 29.16 4.86
CA SER A 198 -5.86 27.79 5.13
C SER A 198 -6.98 27.76 6.17
N GLN A 199 -7.73 26.68 6.23
CA GLN A 199 -8.74 26.48 7.26
C GLN A 199 -8.67 25.02 7.71
N ALA A 200 -8.66 24.84 9.01
CA ALA A 200 -8.61 23.54 9.65
C ALA A 200 -10.03 23.03 9.80
N ILE A 201 -10.31 21.86 9.25
CA ILE A 201 -11.60 21.21 9.45
C ILE A 201 -11.36 19.78 9.88
N ASP A 202 -12.38 19.17 10.48
CA ASP A 202 -12.36 17.76 10.81
C ASP A 202 -12.84 16.97 9.60
N GLY A 203 -12.10 15.91 9.23
CA GLY A 203 -12.50 15.05 8.13
C GLY A 203 -11.43 13.98 7.86
N HIS A 204 -11.91 12.82 7.41
CA HIS A 204 -11.10 11.68 7.02
C HIS A 204 -10.94 11.60 5.51
N VAL A 205 -11.90 12.20 4.77
CA VAL A 205 -11.88 12.07 3.32
C VAL A 205 -12.33 13.38 2.71
N ALA A 206 -11.92 13.61 1.44
CA ALA A 206 -12.15 14.88 0.79
C ALA A 206 -11.99 14.72 -0.71
N ILE A 207 -12.81 15.46 -1.48
CA ILE A 207 -12.63 15.54 -2.91
C ILE A 207 -13.27 16.82 -3.42
N PHE A 208 -12.72 17.38 -4.51
CA PHE A 208 -13.28 18.52 -5.20
C PHE A 208 -13.94 17.98 -6.47
N THR A 209 -15.19 18.39 -6.72
CA THR A 209 -15.91 17.88 -7.88
C THR A 209 -16.78 19.00 -8.45
N ASN A 210 -17.68 18.62 -9.35
CA ASN A 210 -18.45 19.57 -10.13
C ASN A 210 -19.87 19.00 -10.29
N ILE A 211 -20.84 19.90 -10.44
CA ILE A 211 -22.21 19.48 -10.69
C ILE A 211 -22.87 20.48 -11.62
N LEU A 212 -23.57 19.94 -12.64
CA LEU A 212 -24.43 20.74 -13.50
C LEU A 212 -25.79 20.96 -12.84
N LEU A 213 -26.11 22.20 -12.50
CA LEU A 213 -27.41 22.54 -11.95
C LEU A 213 -28.30 23.15 -13.02
N GLU A 214 -29.60 22.82 -12.96
CA GLU A 214 -30.61 23.45 -13.80
C GLU A 214 -30.49 24.95 -13.66
N GLY A 215 -30.52 25.66 -14.80
CA GLY A 215 -30.36 27.09 -14.88
C GLY A 215 -28.96 27.50 -15.35
N ASN A 216 -27.97 26.60 -15.28
CA ASN A 216 -26.57 26.96 -15.51
C ASN A 216 -26.07 26.46 -16.86
N GLY A 217 -26.95 25.97 -17.72
CA GLY A 217 -26.53 25.57 -19.05
C GLY A 217 -25.55 24.41 -18.99
N SER A 218 -24.41 24.55 -19.69
CA SER A 218 -23.40 23.48 -19.70
C SER A 218 -22.27 23.75 -18.71
N THR A 219 -22.39 24.78 -17.88
CA THR A 219 -21.31 25.16 -16.97
C THR A 219 -21.53 24.55 -15.59
N PRO A 220 -20.64 23.64 -15.11
CA PRO A 220 -20.73 23.12 -13.75
C PRO A 220 -20.40 24.20 -12.72
N VAL A 221 -20.93 24.02 -11.50
CA VAL A 221 -20.43 24.72 -10.34
C VAL A 221 -19.56 23.73 -9.56
N GLN A 222 -18.64 24.27 -8.74
CA GLN A 222 -17.69 23.47 -7.99
C GLN A 222 -18.20 23.25 -6.57
N VAL A 223 -18.02 22.01 -6.09
CA VAL A 223 -18.34 21.68 -4.71
C VAL A 223 -17.21 20.88 -4.10
N PHE A 224 -17.07 21.03 -2.78
CA PHE A 224 -16.14 20.23 -2.00
C PHE A 224 -16.97 19.26 -1.16
N VAL A 225 -16.59 17.99 -1.22
CA VAL A 225 -17.27 16.92 -0.51
C VAL A 225 -16.29 16.37 0.51
N THR A 226 -16.73 16.25 1.77
CA THR A 226 -15.85 15.75 2.79
C THR A 226 -16.65 14.89 3.74
N GLY A 227 -16.02 13.83 4.26
CA GLY A 227 -16.64 12.92 5.19
C GLY A 227 -15.83 12.85 6.47
N ASN A 228 -16.54 12.79 7.61
CA ASN A 228 -15.91 12.78 8.92
C ASN A 228 -16.58 11.75 9.80
N ARG A 229 -15.82 11.26 10.79
CA ARG A 229 -16.36 10.49 11.89
C ARG A 229 -15.78 11.10 13.16
N ASN A 230 -16.67 11.65 13.98
CA ASN A 230 -16.29 12.31 15.22
C ASN A 230 -15.70 11.27 16.16
N ALA A 231 -14.42 11.46 16.53
CA ALA A 231 -13.70 10.46 17.30
C ALA A 231 -14.23 10.36 18.73
N THR A 232 -15.04 11.35 19.18
CA THR A 232 -15.52 11.37 20.55
C THR A 232 -16.95 10.81 20.64
N THR A 233 -17.85 11.21 19.75
CA THR A 233 -19.25 10.79 19.77
C THR A 233 -19.50 9.56 18.88
N GLY A 234 -18.68 9.35 17.85
CA GLY A 234 -18.82 8.24 16.91
C GLY A 234 -19.69 8.62 15.70
N ALA A 235 -20.23 9.84 15.70
CA ALA A 235 -21.20 10.26 14.70
C ALA A 235 -20.50 10.57 13.38
N GLY A 236 -21.01 10.01 12.29
CA GLY A 236 -20.49 10.27 10.95
C GLY A 236 -21.26 11.38 10.27
N GLU A 237 -20.57 12.17 9.46
CA GLU A 237 -21.17 13.29 8.76
C GLU A 237 -20.48 13.51 7.40
N LEU A 238 -21.34 13.56 6.37
CA LEU A 238 -20.96 13.97 5.03
C LEU A 238 -21.44 15.40 4.81
N ARG A 239 -20.57 16.23 4.23
CA ARG A 239 -20.91 17.60 3.89
C ARG A 239 -20.49 17.91 2.46
N ILE A 240 -21.33 18.70 1.80
CA ILE A 240 -21.11 19.14 0.43
C ILE A 240 -21.36 20.64 0.42
N ILE A 241 -20.42 21.42 -0.12
CA ILE A 241 -20.52 22.87 -0.08
C ILE A 241 -19.84 23.46 -1.32
N GLU A 242 -20.40 24.57 -1.84
CA GLU A 242 -19.90 25.19 -3.06
C GLU A 242 -18.58 25.92 -2.78
N ILE A 243 -17.76 26.08 -3.82
CA ILE A 243 -16.58 26.93 -3.77
C ILE A 243 -16.51 27.74 -5.07
N ASP A 244 -16.17 29.04 -4.95
CA ASP A 244 -15.77 29.84 -6.11
C ASP A 244 -16.89 29.98 -7.16
N HIS A 245 -18.04 30.52 -6.74
CA HIS A 245 -19.20 30.65 -7.60
C HIS A 245 -18.99 31.73 -8.67
N ASP A 246 -19.14 31.34 -9.95
CA ASP A 246 -19.08 32.26 -11.07
C ASP A 246 -20.40 33.04 -11.11
N ALA A 247 -20.29 34.37 -11.01
CA ALA A 247 -21.47 35.20 -10.84
C ALA A 247 -22.34 35.20 -12.10
N SER A 248 -21.82 34.74 -13.25
CA SER A 248 -22.60 34.59 -14.47
C SER A 248 -23.61 33.46 -14.35
N LEU A 249 -23.42 32.53 -13.40
CA LEU A 249 -24.29 31.38 -13.23
C LEU A 249 -25.38 31.70 -12.20
N PRO A 250 -26.69 31.69 -12.60
CA PRO A 250 -27.78 31.99 -11.65
C PRO A 250 -28.02 30.93 -10.58
N SER A 251 -27.66 29.66 -10.83
CA SER A 251 -27.98 28.60 -9.89
C SER A 251 -26.77 28.30 -9.01
N GLN A 252 -26.99 28.37 -7.69
CA GLN A 252 -25.98 28.07 -6.69
C GLN A 252 -26.27 26.72 -6.04
N TYR A 253 -25.20 26.04 -5.57
CA TYR A 253 -25.35 24.79 -4.85
C TYR A 253 -25.62 25.11 -3.37
N GLN A 254 -26.72 24.58 -2.84
CA GLN A 254 -27.13 24.76 -1.46
C GLN A 254 -26.41 23.74 -0.60
N LYS A 255 -25.79 24.19 0.49
CA LYS A 255 -24.95 23.34 1.33
C LYS A 255 -25.76 22.14 1.80
N GLU A 256 -25.13 20.96 1.89
CA GLU A 256 -25.86 19.78 2.33
C GLU A 256 -25.04 19.07 3.41
N THR A 257 -25.75 18.45 4.33
CA THR A 257 -25.17 17.66 5.41
C THR A 257 -25.99 16.39 5.52
N THR A 258 -25.34 15.22 5.55
CA THR A 258 -26.05 13.94 5.69
C THR A 258 -25.28 13.11 6.70
N ASP A 259 -25.97 12.20 7.39
CA ASP A 259 -25.34 11.26 8.30
C ASP A 259 -24.61 10.17 7.52
N ILE A 260 -23.49 9.72 8.09
CA ILE A 260 -22.86 8.48 7.68
C ILE A 260 -22.99 7.54 8.87
N PHE A 261 -23.65 6.41 8.60
CA PHE A 261 -23.97 5.44 9.65
C PHE A 261 -22.83 4.46 9.85
N PHE A 262 -22.43 4.27 11.10
CA PHE A 262 -21.47 3.25 11.50
C PHE A 262 -22.19 2.36 12.52
N PRO A 263 -22.24 1.03 12.35
CA PRO A 263 -22.84 0.15 13.36
C PRO A 263 -22.08 0.30 14.68
N PRO A 264 -22.70 -0.05 15.83
CA PRO A 264 -22.05 0.13 17.13
C PRO A 264 -20.75 -0.64 17.33
N ASP A 265 -20.63 -1.78 16.62
CA ASP A 265 -19.48 -2.66 16.78
C ASP A 265 -18.42 -2.44 15.71
N ALA A 266 -18.49 -1.33 14.97
CA ALA A 266 -17.44 -0.95 14.03
C ALA A 266 -16.64 0.20 14.65
N THR A 267 -16.09 -0.05 15.84
CA THR A 267 -15.57 1.01 16.70
C THR A 267 -14.44 1.76 16.04
N ASN A 268 -13.52 1.04 15.37
CA ASN A 268 -12.31 1.67 14.86
C ASN A 268 -12.42 1.93 13.37
N ASP A 269 -13.64 1.90 12.82
CA ASP A 269 -13.86 2.16 11.40
C ASP A 269 -13.92 3.67 11.16
N PHE A 270 -13.65 4.08 9.93
CA PHE A 270 -13.77 5.48 9.55
C PHE A 270 -13.84 5.54 8.03
N PRO A 271 -14.24 6.68 7.44
CA PRO A 271 -14.18 6.84 5.99
C PRO A 271 -12.72 6.77 5.51
N ILE A 272 -12.49 5.96 4.48
CA ILE A 272 -11.16 5.76 3.90
C ILE A 272 -11.07 6.43 2.53
N ALA A 273 -12.18 6.57 1.80
CA ALA A 273 -12.14 7.17 0.47
C ALA A 273 -13.48 7.77 0.08
N VAL A 274 -13.43 8.79 -0.79
CA VAL A 274 -14.63 9.33 -1.42
C VAL A 274 -14.29 9.65 -2.88
N GLN A 275 -15.11 9.16 -3.79
CA GLN A 275 -15.02 9.48 -5.20
C GLN A 275 -16.40 9.92 -5.64
N VAL A 276 -16.46 10.69 -6.73
CA VAL A 276 -17.74 11.19 -7.24
C VAL A 276 -17.82 11.02 -8.74
N SER A 277 -18.96 10.54 -9.22
CA SER A 277 -19.32 10.66 -10.62
C SER A 277 -19.93 12.03 -10.89
N GLU A 278 -19.21 12.88 -11.65
CA GLU A 278 -19.71 14.17 -12.09
C GLU A 278 -20.89 13.98 -13.03
N LYS A 279 -20.77 13.03 -13.95
CA LYS A 279 -21.79 12.82 -14.96
C LYS A 279 -23.13 12.49 -14.30
N TYR A 280 -23.14 11.57 -13.34
CA TYR A 280 -24.38 11.03 -12.80
C TYR A 280 -24.75 11.71 -11.47
N GLY A 281 -23.81 12.43 -10.85
CA GLY A 281 -24.08 13.09 -9.59
C GLY A 281 -24.21 12.09 -8.43
N ILE A 282 -23.25 11.18 -8.34
CA ILE A 282 -23.26 10.13 -7.34
C ILE A 282 -21.97 10.23 -6.52
N ILE A 283 -22.12 10.20 -5.18
CA ILE A 283 -21.00 10.14 -4.28
C ILE A 283 -20.82 8.69 -3.82
N TYR A 284 -19.60 8.17 -3.97
CA TYR A 284 -19.24 6.89 -3.40
C TYR A 284 -18.30 7.08 -2.23
N LEU A 285 -18.74 6.64 -1.05
CA LEU A 285 -17.95 6.75 0.16
C LEU A 285 -17.70 5.35 0.70
N LEU A 286 -16.41 5.03 0.91
CA LEU A 286 -15.97 3.72 1.36
C LEU A 286 -15.39 3.90 2.75
N THR A 287 -15.58 2.91 3.65
CA THR A 287 -14.94 2.91 4.96
C THR A 287 -13.80 1.89 4.94
N LYS A 288 -12.91 2.00 5.92
CA LYS A 288 -11.79 1.08 6.07
C LYS A 288 -12.27 -0.36 6.23
N TYR A 289 -13.43 -0.58 6.88
CA TYR A 289 -13.91 -1.92 7.12
C TYR A 289 -14.63 -2.46 5.88
N GLY A 290 -14.78 -1.64 4.83
CA GLY A 290 -15.26 -2.13 3.55
C GLY A 290 -16.75 -1.85 3.33
N PHE A 291 -17.33 -0.92 4.08
CA PHE A 291 -18.70 -0.50 3.85
C PHE A 291 -18.74 0.55 2.74
N ILE A 292 -19.56 0.29 1.70
CA ILE A 292 -19.80 1.24 0.63
C ILE A 292 -21.08 2.02 0.94
N HIS A 293 -21.04 3.36 0.81
CA HIS A 293 -22.21 4.21 0.97
C HIS A 293 -22.38 5.05 -0.30
N LEU A 294 -23.60 5.08 -0.87
CA LEU A 294 -23.89 5.93 -2.01
C LEU A 294 -24.80 7.08 -1.60
N TYR A 295 -24.49 8.28 -2.11
CA TYR A 295 -25.29 9.47 -1.88
C TYR A 295 -25.49 10.18 -3.23
N GLU A 296 -26.67 10.80 -3.40
CA GLU A 296 -26.92 11.65 -4.55
C GLU A 296 -26.36 13.04 -4.27
N LEU A 297 -25.65 13.61 -5.25
CA LEU A 297 -24.78 14.76 -5.07
C LEU A 297 -25.59 16.05 -4.90
N GLU A 298 -26.63 16.23 -5.72
CA GLU A 298 -27.44 17.44 -5.65
C GLU A 298 -28.05 17.64 -4.26
N THR A 299 -28.65 16.58 -3.71
CA THR A 299 -29.50 16.65 -2.52
C THR A 299 -28.73 16.19 -1.28
N GLY A 300 -27.71 15.36 -1.49
CA GLY A 300 -27.04 14.70 -0.37
C GLY A 300 -27.76 13.44 0.11
N THR A 301 -28.82 13.01 -0.60
CA THR A 301 -29.66 11.92 -0.08
C THR A 301 -28.86 10.62 -0.08
N ASN A 302 -28.99 9.88 1.03
CA ASN A 302 -28.43 8.55 1.19
C ASN A 302 -29.22 7.59 0.31
N LEU A 303 -28.53 6.88 -0.59
CA LEU A 303 -29.18 6.01 -1.56
C LEU A 303 -29.07 4.54 -1.15
N PHE A 304 -27.92 4.15 -0.60
CA PHE A 304 -27.55 2.74 -0.52
C PHE A 304 -26.41 2.56 0.48
N VAL A 305 -26.43 1.43 1.19
CA VAL A 305 -25.37 1.08 2.12
C VAL A 305 -25.20 -0.43 2.04
N ASN A 306 -23.97 -0.89 1.81
CA ASN A 306 -23.66 -2.31 1.86
C ASN A 306 -22.18 -2.48 2.21
N ARG A 307 -21.76 -3.74 2.32
CA ARG A 307 -20.37 -4.09 2.61
C ARG A 307 -19.83 -4.89 1.45
N ILE A 308 -18.74 -4.45 0.84
CA ILE A 308 -18.19 -5.11 -0.33
C ILE A 308 -16.99 -5.97 0.04
N THR A 309 -16.48 -5.87 1.28
CA THR A 309 -15.35 -6.68 1.71
C THR A 309 -15.30 -6.68 3.24
N ALA A 310 -14.82 -7.78 3.82
CA ALA A 310 -14.56 -7.85 5.24
C ALA A 310 -13.07 -7.57 5.54
N GLU A 311 -12.22 -7.57 4.51
CA GLU A 311 -10.81 -7.20 4.66
C GLU A 311 -10.62 -5.68 4.62
N SER A 312 -9.71 -5.16 5.44
CA SER A 312 -9.41 -3.73 5.51
C SER A 312 -9.01 -3.15 4.16
N VAL A 313 -9.63 -2.03 3.79
CA VAL A 313 -9.29 -1.25 2.61
C VAL A 313 -8.21 -0.24 3.02
N PHE A 314 -7.24 0.01 2.12
CA PHE A 314 -6.18 0.96 2.45
C PHE A 314 -6.04 2.08 1.42
N THR A 315 -6.55 1.90 0.19
CA THR A 315 -6.50 2.98 -0.78
C THR A 315 -7.59 2.80 -1.83
N ALA A 316 -7.82 3.85 -2.62
CA ALA A 316 -8.90 3.85 -3.60
C ALA A 316 -8.61 4.89 -4.67
N ALA A 317 -9.37 4.80 -5.76
CA ALA A 317 -9.26 5.72 -6.88
C ALA A 317 -10.58 5.77 -7.64
N PRO A 318 -10.76 6.74 -8.57
CA PRO A 318 -11.87 6.73 -9.50
C PRO A 318 -11.80 5.48 -10.37
N TYR A 319 -12.98 5.02 -10.83
CA TYR A 319 -13.08 3.89 -11.72
C TYR A 319 -13.94 4.23 -12.92
N ASN A 320 -13.55 3.74 -14.11
CA ASN A 320 -14.35 3.74 -15.32
C ASN A 320 -14.79 5.15 -15.73
N HIS A 321 -13.80 5.94 -16.23
CA HIS A 321 -14.01 7.32 -16.65
C HIS A 321 -14.59 8.12 -15.49
N GLU A 322 -14.11 7.81 -14.27
CA GLU A 322 -14.48 8.56 -13.06
C GLU A 322 -15.97 8.49 -12.70
N ASN A 323 -16.67 7.43 -13.15
CA ASN A 323 -18.08 7.28 -12.85
C ASN A 323 -18.33 6.35 -11.66
N GLY A 324 -17.26 5.79 -11.10
CA GLY A 324 -17.34 4.85 -9.99
C GLY A 324 -16.12 4.96 -9.08
N ILE A 325 -15.94 3.94 -8.23
CA ILE A 325 -14.84 3.88 -7.29
C ILE A 325 -14.20 2.49 -7.39
N ALA A 326 -12.87 2.43 -7.35
CA ALA A 326 -12.15 1.18 -7.16
C ALA A 326 -11.29 1.30 -5.89
N CYS A 327 -11.10 0.17 -5.19
CA CYS A 327 -10.31 0.17 -3.97
C CYS A 327 -9.41 -1.06 -3.91
N ILE A 328 -8.43 -1.01 -3.01
CA ILE A 328 -7.59 -2.15 -2.73
C ILE A 328 -7.67 -2.48 -1.24
N ASN A 329 -7.84 -3.78 -0.93
CA ASN A 329 -7.83 -4.25 0.45
C ASN A 329 -6.49 -4.95 0.73
N LYS A 330 -6.27 -5.32 2.00
CA LYS A 330 -5.00 -5.83 2.49
C LYS A 330 -4.72 -7.25 2.02
N LYS A 331 -5.73 -7.90 1.41
CA LYS A 331 -5.51 -9.20 0.79
C LYS A 331 -5.10 -9.00 -0.67
N GLY A 332 -5.05 -7.75 -1.13
CA GLY A 332 -4.59 -7.47 -2.48
C GLY A 332 -5.71 -7.54 -3.54
N GLN A 333 -6.97 -7.61 -3.08
CA GLN A 333 -8.09 -7.60 -3.99
C GLN A 333 -8.37 -6.16 -4.43
N VAL A 334 -8.45 -5.95 -5.75
CA VAL A 334 -8.83 -4.67 -6.29
C VAL A 334 -10.30 -4.74 -6.71
N LEU A 335 -11.15 -4.01 -6.00
CA LEU A 335 -12.60 -4.14 -6.13
C LEU A 335 -13.16 -2.85 -6.70
N ALA A 336 -14.20 -2.98 -7.54
CA ALA A 336 -14.84 -1.82 -8.17
C ALA A 336 -16.35 -1.85 -7.94
N VAL A 337 -16.89 -0.65 -7.70
CA VAL A 337 -18.31 -0.41 -7.59
C VAL A 337 -18.67 0.77 -8.50
N GLU A 338 -19.76 0.62 -9.25
CA GLU A 338 -20.33 1.72 -10.01
C GLU A 338 -21.84 1.53 -10.04
N ILE A 339 -22.60 2.63 -10.13
CA ILE A 339 -24.05 2.50 -10.26
C ILE A 339 -24.34 1.71 -11.53
N SER A 340 -25.45 0.96 -11.48
CA SER A 340 -26.08 0.37 -12.64
C SER A 340 -26.94 1.44 -13.32
N THR A 341 -26.62 1.76 -14.57
CA THR A 341 -27.30 2.83 -15.29
C THR A 341 -28.73 2.44 -15.62
N SER A 342 -29.01 1.13 -15.76
CA SER A 342 -30.36 0.68 -16.07
C SER A 342 -31.22 0.49 -14.82
N GLN A 343 -30.61 0.29 -13.63
CA GLN A 343 -31.35 -0.10 -12.44
C GLN A 343 -31.42 1.01 -11.39
N ILE A 344 -30.59 2.07 -11.51
CA ILE A 344 -30.55 3.07 -10.46
C ILE A 344 -31.89 3.80 -10.35
N VAL A 345 -32.48 4.22 -11.47
CA VAL A 345 -33.72 5.00 -11.41
C VAL A 345 -34.86 4.13 -10.87
N PRO A 346 -35.11 2.89 -11.36
CA PRO A 346 -36.08 1.99 -10.75
C PRO A 346 -35.90 1.76 -9.24
N TYR A 347 -34.65 1.64 -8.80
CA TYR A 347 -34.37 1.42 -7.39
C TYR A 347 -34.84 2.64 -6.57
N ILE A 348 -34.49 3.86 -7.02
CA ILE A 348 -34.90 5.06 -6.31
C ILE A 348 -36.42 5.19 -6.30
N LEU A 349 -37.04 4.83 -7.41
CA LEU A 349 -38.47 4.97 -7.59
C LEU A 349 -39.20 3.97 -6.70
N ASN A 350 -38.77 2.71 -6.73
CA ASN A 350 -39.52 1.62 -6.12
C ASN A 350 -39.01 1.29 -4.72
N LYS A 351 -37.69 1.32 -4.49
CA LYS A 351 -37.15 0.87 -3.23
C LYS A 351 -37.00 2.04 -2.27
N LEU A 352 -36.67 3.24 -2.79
CA LEU A 352 -36.61 4.44 -1.96
C LEU A 352 -37.96 5.18 -1.97
N SER A 353 -38.88 4.78 -2.85
CA SER A 353 -40.19 5.41 -3.03
C SER A 353 -40.06 6.93 -3.14
N ASN A 354 -39.14 7.42 -3.99
CA ASN A 354 -38.81 8.83 -4.02
C ASN A 354 -38.86 9.33 -5.46
N VAL A 355 -40.06 9.75 -5.89
CA VAL A 355 -40.30 10.10 -7.27
C VAL A 355 -39.47 11.30 -7.68
N ALA A 356 -39.39 12.31 -6.80
CA ALA A 356 -38.68 13.54 -7.09
C ALA A 356 -37.18 13.28 -7.28
N LEU A 357 -36.58 12.48 -6.39
CA LEU A 357 -35.18 12.13 -6.48
C LEU A 357 -34.92 11.28 -7.72
N ALA A 358 -35.83 10.36 -8.04
CA ALA A 358 -35.69 9.51 -9.21
C ALA A 358 -35.58 10.38 -10.47
N LEU A 359 -36.41 11.41 -10.55
CA LEU A 359 -36.38 12.34 -11.67
C LEU A 359 -35.08 13.17 -11.72
N ILE A 360 -34.56 13.58 -10.56
CA ILE A 360 -33.34 14.34 -10.52
C ILE A 360 -32.23 13.51 -11.14
N VAL A 361 -32.11 12.25 -10.71
CA VAL A 361 -31.06 11.37 -11.16
C VAL A 361 -31.24 11.04 -12.64
N ALA A 362 -32.48 10.75 -13.07
CA ALA A 362 -32.76 10.34 -14.44
C ALA A 362 -32.40 11.48 -15.41
N THR A 363 -32.74 12.71 -15.02
CA THR A 363 -32.56 13.89 -15.86
C THR A 363 -31.08 14.25 -15.98
N ARG A 364 -30.34 14.21 -14.86
CA ARG A 364 -28.93 14.54 -14.87
C ARG A 364 -28.18 13.56 -15.75
N GLY A 365 -28.49 12.27 -15.64
CA GLY A 365 -27.71 11.23 -16.28
C GLY A 365 -28.21 10.82 -17.66
N GLY A 366 -29.35 11.35 -18.11
CA GLY A 366 -30.03 10.88 -19.30
C GLY A 366 -30.43 9.40 -19.20
N LEU A 367 -30.91 8.98 -18.01
CA LEU A 367 -31.08 7.57 -17.69
C LEU A 367 -32.53 7.14 -17.90
N PRO A 368 -32.77 5.84 -18.12
CA PRO A 368 -34.14 5.32 -18.26
C PRO A 368 -34.78 4.98 -16.91
N GLY A 369 -36.13 4.92 -16.91
CA GLY A 369 -36.91 4.38 -15.81
C GLY A 369 -37.93 5.36 -15.24
N ALA A 370 -37.97 6.61 -15.74
CA ALA A 370 -38.80 7.65 -15.18
C ALA A 370 -39.73 8.25 -16.26
N PRO B 9 -23.71 -11.63 21.68
CA PRO B 9 -24.26 -10.98 22.87
C PRO B 9 -25.77 -11.16 23.11
N ILE B 10 -26.47 -11.88 22.21
CA ILE B 10 -27.88 -12.16 22.41
C ILE B 10 -28.14 -13.65 22.19
N GLU B 11 -29.19 -14.16 22.83
CA GLU B 11 -29.79 -15.45 22.53
C GLU B 11 -31.05 -15.20 21.70
N PHE B 12 -31.16 -15.92 20.58
CA PHE B 12 -32.20 -15.72 19.59
C PHE B 12 -32.83 -17.09 19.37
N THR B 13 -34.12 -17.24 19.69
CA THR B 13 -34.77 -18.54 19.70
C THR B 13 -36.21 -18.41 19.13
N GLU B 14 -36.78 -19.55 18.74
CA GLU B 14 -38.17 -19.65 18.33
C GLU B 14 -38.94 -20.31 19.46
N LEU B 15 -40.01 -19.64 19.93
CA LEU B 15 -40.84 -20.13 21.02
C LEU B 15 -41.89 -21.10 20.46
N VAL B 16 -42.52 -20.75 19.33
CA VAL B 16 -43.51 -21.60 18.69
C VAL B 16 -43.69 -21.20 17.23
N ASP B 17 -44.08 -22.17 16.40
CA ASP B 17 -44.48 -21.92 15.02
C ASP B 17 -45.99 -22.12 14.93
N LEU B 18 -46.74 -21.03 14.76
CA LEU B 18 -48.19 -21.08 14.88
C LEU B 18 -48.83 -21.82 13.70
N MET B 19 -48.21 -21.76 12.51
CA MET B 19 -48.72 -22.52 11.36
C MET B 19 -48.58 -24.02 11.61
N SER B 20 -47.58 -24.41 12.42
CA SER B 20 -47.39 -25.81 12.81
C SER B 20 -48.51 -26.30 13.71
N LEU B 21 -49.17 -25.38 14.42
CA LEU B 21 -50.28 -25.73 15.30
C LEU B 21 -51.60 -25.77 14.54
N GLY B 22 -51.59 -25.38 13.25
CA GLY B 22 -52.76 -25.46 12.38
C GLY B 22 -53.51 -24.13 12.25
N ILE B 23 -52.88 -22.99 12.56
CA ILE B 23 -53.56 -21.72 12.45
C ILE B 23 -53.36 -21.21 11.01
N SER B 24 -54.46 -20.89 10.33
CA SER B 24 -54.45 -20.35 8.98
C SER B 24 -53.78 -18.97 8.96
N PRO B 25 -53.10 -18.58 7.86
CA PRO B 25 -52.46 -17.27 7.74
C PRO B 25 -53.42 -16.09 7.85
N GLN B 26 -54.72 -16.32 7.52
CA GLN B 26 -55.69 -15.25 7.55
C GLN B 26 -55.85 -14.72 8.98
N PHE B 27 -55.48 -15.52 10.00
CA PHE B 27 -55.64 -15.12 11.40
C PHE B 27 -54.35 -14.67 12.08
N LEU B 28 -53.20 -14.80 11.39
CA LEU B 28 -51.91 -14.49 11.97
C LEU B 28 -51.56 -13.04 11.63
N ASP B 29 -52.30 -12.13 12.27
CA ASP B 29 -52.05 -10.71 12.10
C ASP B 29 -52.65 -10.00 13.29
N PHE B 30 -52.50 -8.68 13.28
CA PHE B 30 -52.88 -7.85 14.41
C PHE B 30 -54.39 -7.92 14.67
N ARG B 31 -55.18 -8.19 13.63
CA ARG B 31 -56.64 -8.24 13.79
C ARG B 31 -57.06 -9.38 14.72
N SER B 32 -56.40 -10.55 14.63
CA SER B 32 -56.90 -11.77 15.24
C SER B 32 -55.99 -12.37 16.32
N THR B 33 -54.70 -12.02 16.33
CA THR B 33 -53.74 -12.65 17.24
C THR B 33 -53.24 -11.62 18.24
N THR B 34 -53.35 -11.92 19.54
CA THR B 34 -52.92 -11.05 20.61
C THR B 34 -51.88 -11.76 21.47
N PHE B 35 -51.00 -10.96 22.07
CA PHE B 35 -49.85 -11.43 22.84
C PHE B 35 -49.62 -10.47 24.00
N GLU B 36 -50.30 -10.71 25.11
CA GLU B 36 -50.36 -9.79 26.24
C GLU B 36 -49.12 -10.00 27.13
N SER B 37 -48.53 -11.19 27.02
CA SER B 37 -47.32 -11.57 27.72
C SER B 37 -46.76 -12.82 27.04
N ASP B 38 -45.60 -13.27 27.51
CA ASP B 38 -44.96 -14.46 26.96
C ASP B 38 -45.65 -15.75 27.45
N HIS B 39 -46.72 -15.63 28.25
CA HIS B 39 -47.39 -16.81 28.78
C HIS B 39 -48.33 -17.42 27.75
N PHE B 40 -49.05 -16.59 26.99
CA PHE B 40 -50.13 -17.07 26.13
C PHE B 40 -50.11 -16.34 24.79
N VAL B 41 -50.43 -17.06 23.72
CA VAL B 41 -50.85 -16.46 22.47
C VAL B 41 -52.32 -16.84 22.25
N THR B 42 -53.15 -15.86 21.90
CA THR B 42 -54.57 -16.12 21.65
C THR B 42 -54.87 -15.78 20.20
N VAL B 43 -55.43 -16.75 19.47
CA VAL B 43 -55.85 -16.51 18.09
C VAL B 43 -57.36 -16.66 18.00
N ARG B 44 -58.04 -15.57 17.61
CA ARG B 44 -59.42 -15.62 17.22
C ARG B 44 -59.51 -16.17 15.81
N GLU B 45 -60.35 -17.19 15.60
CA GLU B 45 -60.61 -17.73 14.28
C GLU B 45 -62.12 -17.70 14.01
N THR B 46 -62.48 -17.91 12.73
CA THR B 46 -63.85 -17.92 12.27
C THR B 46 -63.97 -18.99 11.21
N LYS B 47 -65.09 -19.72 11.20
CA LYS B 47 -65.32 -20.81 10.26
C LYS B 47 -66.83 -20.96 10.07
N ASP B 48 -67.32 -20.75 8.84
CA ASP B 48 -68.72 -20.91 8.52
C ASP B 48 -69.61 -20.17 9.52
N GLY B 49 -69.23 -18.93 9.82
CA GLY B 49 -70.02 -18.05 10.67
C GLY B 49 -69.70 -18.18 12.15
N THR B 50 -69.00 -19.25 12.58
CA THR B 50 -68.78 -19.51 13.99
C THR B 50 -67.39 -19.05 14.43
N ASN B 51 -67.32 -18.28 15.51
CA ASN B 51 -66.06 -17.84 16.08
C ASN B 51 -65.53 -18.88 17.07
N SER B 52 -64.21 -18.86 17.25
CA SER B 52 -63.53 -19.74 18.16
C SER B 52 -62.21 -19.08 18.57
N VAL B 53 -61.63 -19.64 19.63
CA VAL B 53 -60.37 -19.16 20.19
C VAL B 53 -59.45 -20.36 20.25
N ALA B 54 -58.21 -20.13 19.81
CA ALA B 54 -57.11 -21.05 20.07
C ALA B 54 -56.17 -20.39 21.06
N ILE B 55 -56.10 -20.94 22.28
CA ILE B 55 -55.22 -20.39 23.31
C ILE B 55 -53.96 -21.26 23.39
N VAL B 56 -52.82 -20.64 23.05
CA VAL B 56 -51.54 -21.34 23.07
C VAL B 56 -50.81 -20.96 24.36
N ASP B 57 -50.57 -21.96 25.22
CA ASP B 57 -49.93 -21.75 26.51
C ASP B 57 -48.44 -22.04 26.39
N LEU B 58 -47.63 -20.99 26.27
CA LEU B 58 -46.20 -21.11 26.04
C LEU B 58 -45.50 -21.69 27.26
N ALA B 59 -46.11 -21.60 28.45
CA ALA B 59 -45.55 -22.17 29.67
C ALA B 59 -45.86 -23.66 29.83
N LYS B 60 -46.64 -24.27 28.93
CA LYS B 60 -46.95 -25.71 29.01
C LYS B 60 -46.72 -26.39 27.66
N GLY B 61 -45.52 -26.21 27.10
CA GLY B 61 -45.13 -26.93 25.89
C GLY B 61 -45.94 -26.50 24.66
N ASN B 62 -46.46 -25.26 24.62
CA ASN B 62 -47.33 -24.79 23.56
C ASN B 62 -48.60 -25.64 23.45
N GLU B 63 -49.16 -26.03 24.60
CA GLU B 63 -50.47 -26.68 24.68
C GLU B 63 -51.56 -25.74 24.16
N VAL B 64 -52.44 -26.23 23.28
CA VAL B 64 -53.45 -25.41 22.62
C VAL B 64 -54.84 -25.78 23.16
N THR B 65 -55.55 -24.80 23.70
CA THR B 65 -56.96 -24.92 24.03
C THR B 65 -57.79 -24.31 22.89
N ARG B 66 -58.68 -25.11 22.31
CA ARG B 66 -59.50 -24.70 21.19
C ARG B 66 -60.97 -24.78 21.60
N LYS B 67 -61.66 -23.63 21.71
CA LYS B 67 -63.05 -23.56 22.16
C LYS B 67 -63.85 -22.59 21.30
N ASN B 68 -65.05 -22.95 20.84
CA ASN B 68 -65.97 -22.00 20.23
C ASN B 68 -66.27 -20.85 21.22
N MET B 69 -66.57 -19.66 20.68
CA MET B 69 -67.02 -18.52 21.49
C MET B 69 -67.99 -17.66 20.66
N GLY B 70 -68.72 -16.77 21.36
CA GLY B 70 -69.69 -15.89 20.73
C GLY B 70 -69.11 -14.54 20.35
N GLY B 71 -68.00 -14.16 20.97
CA GLY B 71 -67.38 -12.89 20.66
C GLY B 71 -66.47 -13.02 19.45
N ASP B 72 -65.90 -11.89 19.02
CA ASP B 72 -65.05 -11.82 17.84
C ASP B 72 -63.69 -11.25 18.22
N SER B 73 -63.42 -11.10 19.52
CA SER B 73 -62.14 -10.65 20.02
C SER B 73 -61.91 -11.23 21.41
N ALA B 74 -60.69 -11.66 21.69
CA ALA B 74 -60.39 -12.34 22.96
C ALA B 74 -58.90 -12.18 23.29
N ILE B 75 -58.62 -11.90 24.56
CA ILE B 75 -57.24 -11.77 25.05
C ILE B 75 -57.10 -12.55 26.35
N MET B 76 -55.87 -12.98 26.65
CA MET B 76 -55.56 -13.61 27.91
C MET B 76 -54.86 -12.62 28.86
N HIS B 77 -55.04 -12.85 30.17
CA HIS B 77 -54.33 -12.16 31.22
C HIS B 77 -52.82 -12.46 31.12
N PRO B 78 -51.93 -11.56 31.59
CA PRO B 78 -50.49 -11.79 31.52
C PRO B 78 -49.95 -13.06 32.16
N SER B 79 -50.63 -13.53 33.22
CA SER B 79 -50.13 -14.66 33.99
C SER B 79 -51.23 -15.68 34.31
N GLN B 80 -52.46 -15.23 34.57
CA GLN B 80 -53.53 -16.11 35.03
C GLN B 80 -54.35 -16.62 33.85
N MET B 81 -55.08 -17.71 34.10
CA MET B 81 -55.97 -18.28 33.10
C MET B 81 -57.30 -17.53 33.14
N VAL B 82 -57.24 -16.27 32.71
CA VAL B 82 -58.38 -15.37 32.72
C VAL B 82 -58.53 -14.80 31.31
N ILE B 83 -59.68 -15.09 30.71
CA ILE B 83 -59.94 -14.68 29.33
C ILE B 83 -60.96 -13.55 29.33
N SER B 84 -60.73 -12.58 28.44
CA SER B 84 -61.61 -11.46 28.20
C SER B 84 -62.13 -11.55 26.76
N VAL B 85 -63.44 -11.47 26.59
CA VAL B 85 -64.11 -11.69 25.32
C VAL B 85 -65.01 -10.50 25.04
N ARG B 86 -65.10 -10.11 23.76
CA ARG B 86 -65.94 -8.98 23.36
C ARG B 86 -66.83 -9.33 22.16
N ALA B 87 -68.07 -8.82 22.17
CA ALA B 87 -69.02 -8.96 21.07
C ALA B 87 -69.72 -7.63 20.83
N ASN B 88 -70.14 -7.40 19.57
CA ASN B 88 -70.95 -6.24 19.20
C ASN B 88 -70.30 -4.93 19.59
N GLY B 89 -68.97 -4.90 19.66
CA GLY B 89 -68.21 -3.71 20.03
C GLY B 89 -68.23 -3.39 21.53
N THR B 90 -69.39 -3.54 22.19
CA THR B 90 -69.60 -2.92 23.50
C THR B 90 -69.73 -3.95 24.62
N ILE B 91 -69.95 -5.22 24.29
CA ILE B 91 -70.30 -6.22 25.28
C ILE B 91 -69.03 -6.97 25.66
N VAL B 92 -68.68 -6.91 26.94
CA VAL B 92 -67.45 -7.50 27.42
C VAL B 92 -67.77 -8.46 28.55
N GLN B 93 -67.17 -9.65 28.49
CA GLN B 93 -67.27 -10.63 29.57
C GLN B 93 -65.88 -11.18 29.84
N ILE B 94 -65.60 -11.42 31.12
CA ILE B 94 -64.28 -11.86 31.55
C ILE B 94 -64.46 -13.05 32.47
N PHE B 95 -63.76 -14.15 32.19
CA PHE B 95 -63.96 -15.42 32.86
C PHE B 95 -62.63 -15.95 33.36
N ASN B 96 -62.66 -16.53 34.56
CA ASN B 96 -61.60 -17.39 35.05
C ASN B 96 -61.82 -18.82 34.53
N LEU B 97 -60.90 -19.31 33.70
CA LEU B 97 -61.04 -20.59 33.04
C LEU B 97 -60.92 -21.77 34.01
N GLU B 98 -60.20 -21.58 35.13
CA GLU B 98 -60.01 -22.66 36.10
C GLU B 98 -61.23 -22.81 37.00
N THR B 99 -61.69 -21.73 37.63
CA THR B 99 -62.80 -21.77 38.57
C THR B 99 -64.13 -21.63 37.84
N LYS B 100 -64.10 -21.23 36.56
CA LYS B 100 -65.27 -21.09 35.71
C LYS B 100 -66.09 -19.84 36.08
N SER B 101 -65.53 -18.98 36.93
CA SER B 101 -66.25 -17.83 37.46
C SER B 101 -66.25 -16.67 36.47
N LYS B 102 -67.35 -15.92 36.46
CA LYS B 102 -67.46 -14.71 35.67
C LYS B 102 -66.98 -13.52 36.49
N LEU B 103 -65.89 -12.87 36.08
CA LEU B 103 -65.28 -11.78 36.84
C LEU B 103 -65.94 -10.46 36.48
N LYS B 104 -66.26 -10.29 35.20
CA LYS B 104 -66.83 -9.04 34.72
C LYS B 104 -67.83 -9.36 33.62
N SER B 105 -68.87 -8.53 33.57
CA SER B 105 -69.90 -8.56 32.55
C SER B 105 -70.53 -7.17 32.44
N PHE B 106 -70.20 -6.43 31.38
CA PHE B 106 -70.75 -5.11 31.21
C PHE B 106 -70.84 -4.76 29.72
N THR B 107 -71.54 -3.66 29.45
CA THR B 107 -71.66 -3.04 28.14
C THR B 107 -71.07 -1.63 28.20
N LEU B 108 -70.12 -1.33 27.31
CA LEU B 108 -69.59 0.02 27.22
C LEU B 108 -70.58 0.93 26.48
N ASP B 109 -70.39 2.24 26.62
CA ASP B 109 -71.18 3.25 25.95
C ASP B 109 -70.83 3.31 24.46
N GLU B 110 -69.58 2.98 24.11
CA GLU B 110 -69.08 3.09 22.76
C GLU B 110 -68.29 1.83 22.43
N PRO B 111 -68.24 1.37 21.15
CA PRO B 111 -67.44 0.21 20.76
C PRO B 111 -65.95 0.31 21.13
N VAL B 112 -65.39 -0.80 21.62
CA VAL B 112 -63.97 -0.91 21.90
C VAL B 112 -63.24 -1.14 20.58
N ILE B 113 -62.22 -0.34 20.28
CA ILE B 113 -61.45 -0.57 19.08
C ILE B 113 -60.01 -0.99 19.41
N PHE B 114 -59.64 -0.99 20.70
CA PHE B 114 -58.34 -1.49 21.11
C PHE B 114 -58.40 -1.82 22.59
N TRP B 115 -57.78 -2.92 22.99
CA TRP B 115 -57.63 -3.20 24.40
C TRP B 115 -56.33 -3.98 24.66
N ARG B 116 -55.87 -3.88 25.90
CA ARG B 116 -54.64 -4.50 26.35
C ARG B 116 -54.57 -4.39 27.88
N TRP B 117 -54.06 -5.45 28.49
CA TRP B 117 -53.74 -5.44 29.91
C TRP B 117 -52.67 -4.40 30.19
N LEU B 118 -52.95 -3.53 31.16
CA LEU B 118 -52.02 -2.48 31.55
C LEU B 118 -51.09 -2.95 32.67
N SER B 119 -51.58 -3.90 33.49
CA SER B 119 -50.85 -4.46 34.61
C SER B 119 -51.52 -5.79 34.94
N GLU B 120 -51.11 -6.41 36.05
CA GLU B 120 -51.76 -7.62 36.53
C GLU B 120 -53.20 -7.37 37.02
N THR B 121 -53.54 -6.11 37.35
CA THR B 121 -54.80 -5.82 38.01
C THR B 121 -55.79 -5.20 37.03
N THR B 122 -55.28 -4.52 36.00
CA THR B 122 -56.07 -3.51 35.32
C THR B 122 -56.04 -3.72 33.81
N LEU B 123 -57.24 -3.77 33.20
CA LEU B 123 -57.41 -3.89 31.76
C LEU B 123 -57.77 -2.53 31.17
N GLY B 124 -57.13 -2.18 30.05
CA GLY B 124 -57.28 -0.89 29.38
C GLY B 124 -58.10 -1.01 28.10
N PHE B 125 -58.92 0.02 27.85
CA PHE B 125 -59.83 0.05 26.70
C PHE B 125 -59.66 1.39 26.00
N VAL B 126 -59.72 1.37 24.67
CA VAL B 126 -59.76 2.59 23.88
C VAL B 126 -60.94 2.46 22.92
N THR B 127 -61.79 3.50 22.91
CA THR B 127 -62.92 3.60 21.99
C THR B 127 -62.59 4.68 20.97
N ALA B 128 -63.56 4.97 20.10
CA ALA B 128 -63.44 6.04 19.13
C ALA B 128 -63.11 7.37 19.83
N ARG B 129 -63.66 7.64 21.03
CA ARG B 129 -63.40 8.93 21.64
C ARG B 129 -62.90 8.88 23.09
N SER B 130 -62.70 7.68 23.67
CA SER B 130 -62.47 7.59 25.10
C SER B 130 -61.40 6.55 25.44
N ILE B 131 -60.78 6.74 26.61
CA ILE B 131 -59.78 5.84 27.17
C ILE B 131 -60.26 5.45 28.57
N LEU B 132 -60.36 4.14 28.85
CA LEU B 132 -61.00 3.64 30.05
C LEU B 132 -60.17 2.49 30.63
N THR B 133 -60.37 2.18 31.92
CA THR B 133 -59.72 1.08 32.59
C THR B 133 -60.73 0.33 33.46
N SER B 134 -60.46 -0.95 33.67
CA SER B 134 -61.29 -1.79 34.52
C SER B 134 -60.39 -2.51 35.54
N ASN B 135 -60.77 -2.39 36.81
CA ASN B 135 -60.16 -3.17 37.87
C ASN B 135 -60.86 -4.53 37.88
N VAL B 136 -60.30 -5.45 37.11
CA VAL B 136 -61.00 -6.67 36.76
C VAL B 136 -61.25 -7.57 37.98
N PHE B 137 -60.36 -7.55 38.98
CA PHE B 137 -60.45 -8.50 40.09
C PHE B 137 -61.04 -7.86 41.35
N ASP B 138 -61.74 -6.72 41.23
CA ASP B 138 -62.30 -6.07 42.42
C ASP B 138 -63.62 -6.70 42.84
N GLY B 139 -64.18 -7.64 42.05
CA GLY B 139 -65.36 -8.40 42.45
C GLY B 139 -66.68 -7.69 42.12
N ASN B 140 -66.63 -6.49 41.51
CA ASN B 140 -67.86 -5.79 41.12
C ASN B 140 -68.17 -6.19 39.67
N VAL B 141 -68.96 -7.25 39.52
CA VAL B 141 -69.04 -7.96 38.25
C VAL B 141 -69.59 -7.03 37.16
N ASN B 142 -70.56 -6.19 37.49
CA ASN B 142 -71.29 -5.41 36.49
C ASN B 142 -70.79 -3.97 36.38
N ALA B 143 -69.76 -3.59 37.14
CA ALA B 143 -69.27 -2.22 37.08
C ALA B 143 -68.57 -1.96 35.74
N LYS B 144 -68.99 -0.88 35.06
CA LYS B 144 -68.42 -0.49 33.78
C LYS B 144 -67.02 0.09 33.96
N PRO B 145 -66.16 0.07 32.90
CA PRO B 145 -64.84 0.69 32.98
C PRO B 145 -64.95 2.17 33.34
N GLN B 146 -63.96 2.66 34.08
CA GLN B 146 -63.95 4.05 34.49
C GLN B 146 -63.25 4.87 33.41
N LEU B 147 -63.78 6.07 33.14
CA LEU B 147 -63.19 6.95 32.16
C LEU B 147 -61.86 7.47 32.72
N LEU B 148 -60.79 7.28 31.97
CA LEU B 148 -59.50 7.85 32.34
C LEU B 148 -59.42 9.27 31.76
N THR B 149 -59.63 9.39 30.45
CA THR B 149 -59.61 10.66 29.75
C THR B 149 -60.22 10.48 28.37
N LEU B 150 -60.68 11.58 27.78
CA LEU B 150 -61.09 11.60 26.39
C LEU B 150 -59.83 11.57 25.53
N ARG B 151 -59.91 10.89 24.39
CA ARG B 151 -58.87 10.96 23.38
C ARG B 151 -58.77 12.40 22.85
N HIS B 152 -57.54 12.84 22.59
CA HIS B 152 -57.28 14.17 22.04
C HIS B 152 -57.16 14.07 20.51
N ALA B 153 -57.16 15.24 19.86
CA ALA B 153 -57.17 15.37 18.41
C ALA B 153 -55.92 14.75 17.74
N ASN B 154 -54.80 14.67 18.45
CA ASN B 154 -53.58 14.13 17.88
C ASN B 154 -53.72 12.66 17.51
N LEU B 155 -54.67 11.93 18.15
CA LEU B 155 -54.95 10.54 17.80
C LEU B 155 -56.04 10.40 16.72
N ASN B 156 -56.54 11.52 16.17
CA ASN B 156 -57.59 11.46 15.17
C ASN B 156 -57.10 10.74 13.90
N ASN B 157 -57.98 9.91 13.33
CA ASN B 157 -57.71 9.23 12.07
C ASN B 157 -56.52 8.28 12.18
N THR B 158 -56.27 7.75 13.38
CA THR B 158 -55.20 6.77 13.57
C THR B 158 -55.82 5.39 13.79
N GLN B 159 -55.00 4.37 13.54
CA GLN B 159 -55.27 3.05 14.07
C GLN B 159 -54.57 2.94 15.43
N ILE B 160 -55.33 2.63 16.48
CA ILE B 160 -54.78 2.53 17.82
C ILE B 160 -54.11 1.17 17.95
N ILE B 161 -52.83 1.13 18.35
CA ILE B 161 -52.05 -0.10 18.34
C ILE B 161 -51.43 -0.39 19.70
N ASN B 162 -51.49 0.53 20.67
CA ASN B 162 -50.96 0.21 21.98
C ASN B 162 -51.55 1.13 23.05
N PHE B 163 -51.51 0.62 24.28
CA PHE B 163 -51.96 1.31 25.48
C PHE B 163 -51.11 0.71 26.60
N VAL B 164 -50.29 1.57 27.24
CA VAL B 164 -49.36 1.15 28.27
C VAL B 164 -49.47 2.09 29.47
N ALA B 165 -49.05 1.59 30.62
CA ALA B 165 -49.11 2.36 31.86
C ALA B 165 -47.92 1.99 32.74
N ASN B 166 -47.65 2.83 33.74
CA ASN B 166 -46.69 2.47 34.78
C ASN B 166 -47.37 1.54 35.77
N LYS B 167 -46.59 0.87 36.61
CA LYS B 167 -47.12 -0.04 37.61
C LYS B 167 -48.06 0.71 38.56
N ASN B 168 -47.72 1.95 38.90
CA ASN B 168 -48.55 2.77 39.79
C ASN B 168 -49.89 3.17 39.14
N LEU B 169 -50.05 2.99 37.83
CA LEU B 169 -51.27 3.33 37.14
C LEU B 169 -51.64 4.80 37.34
N ASP B 170 -50.65 5.70 37.23
CA ASP B 170 -50.92 7.13 37.26
C ASP B 170 -50.28 7.82 36.05
N TRP B 171 -49.54 7.09 35.22
CA TRP B 171 -49.06 7.58 33.95
C TRP B 171 -49.42 6.56 32.87
N PHE B 172 -49.83 7.05 31.71
CA PHE B 172 -50.40 6.24 30.66
C PHE B 172 -49.97 6.81 29.31
N ALA B 173 -49.89 5.93 28.30
CA ALA B 173 -49.67 6.37 26.94
C ALA B 173 -50.51 5.51 26.00
N VAL B 174 -51.17 6.16 25.06
CA VAL B 174 -51.93 5.51 24.01
C VAL B 174 -51.27 5.85 22.68
N VAL B 175 -51.00 4.82 21.88
CA VAL B 175 -50.29 4.97 20.63
C VAL B 175 -51.24 4.71 19.46
N GLY B 176 -51.28 5.66 18.51
CA GLY B 176 -51.93 5.47 17.23
C GLY B 176 -50.96 5.71 16.07
N ILE B 177 -51.20 5.01 14.94
CA ILE B 177 -50.44 5.28 13.73
C ILE B 177 -51.38 5.75 12.62
N LEU B 178 -50.86 6.58 11.73
CA LEU B 178 -51.55 6.91 10.50
C LEU B 178 -50.53 6.94 9.37
N GLN B 179 -51.03 6.76 8.15
CA GLN B 179 -50.21 6.89 6.97
C GLN B 179 -50.25 8.35 6.52
N GLU B 180 -49.08 8.93 6.35
CA GLU B 180 -48.96 10.32 5.99
C GLU B 180 -47.93 10.43 4.88
N ASN B 181 -48.37 10.82 3.69
CA ASN B 181 -47.50 10.92 2.54
C ASN B 181 -46.75 9.61 2.33
N GLY B 182 -47.45 8.49 2.47
CA GLY B 182 -46.92 7.18 2.13
C GLY B 182 -45.92 6.64 3.15
N ARG B 183 -45.84 7.24 4.35
CA ARG B 183 -45.02 6.74 5.44
C ARG B 183 -45.89 6.62 6.69
N ILE B 184 -45.51 5.72 7.60
CA ILE B 184 -46.26 5.51 8.82
C ILE B 184 -45.76 6.47 9.87
N ALA B 185 -46.60 7.44 10.24
CA ALA B 185 -46.35 8.34 11.35
C ALA B 185 -47.00 7.78 12.63
N GLY B 186 -46.39 8.09 13.77
CA GLY B 186 -46.82 7.64 15.08
C GLY B 186 -47.21 8.83 15.96
N ARG B 187 -48.32 8.68 16.69
CA ARG B 187 -48.86 9.73 17.53
C ARG B 187 -49.15 9.11 18.88
N ILE B 188 -48.72 9.81 19.95
CA ILE B 188 -48.91 9.29 21.30
C ILE B 188 -49.61 10.32 22.16
N GLN B 189 -50.66 9.87 22.85
CA GLN B 189 -51.28 10.66 23.91
C GLN B 189 -50.73 10.20 25.26
N LEU B 190 -49.92 11.05 25.88
CA LEU B 190 -49.35 10.80 27.18
C LEU B 190 -50.27 11.44 28.20
N PHE B 191 -50.61 10.73 29.26
CA PHE B 191 -51.60 11.20 30.21
C PHE B 191 -51.08 10.98 31.62
N SER B 192 -51.07 12.08 32.40
CA SER B 192 -50.78 12.03 33.82
C SER B 192 -52.09 12.13 34.59
N LYS B 193 -52.42 11.05 35.30
CA LYS B 193 -53.64 11.02 36.07
C LYS B 193 -53.59 12.03 37.21
N GLN B 194 -52.41 12.23 37.81
CA GLN B 194 -52.29 13.09 38.97
C GLN B 194 -52.62 14.54 38.59
N ARG B 195 -52.17 15.01 37.43
CA ARG B 195 -52.41 16.37 37.01
C ARG B 195 -53.64 16.47 36.11
N ASN B 196 -54.18 15.32 35.69
CA ASN B 196 -55.32 15.28 34.78
C ASN B 196 -55.04 16.12 33.53
N ILE B 197 -53.88 15.88 32.90
CA ILE B 197 -53.42 16.64 31.75
C ILE B 197 -52.83 15.65 30.75
N SER B 198 -53.08 15.83 29.45
CA SER B 198 -52.47 15.02 28.41
C SER B 198 -51.44 15.85 27.64
N GLN B 199 -50.51 15.18 26.97
CA GLN B 199 -49.54 15.85 26.11
C GLN B 199 -49.39 14.99 24.86
N ALA B 200 -49.43 15.64 23.71
CA ALA B 200 -49.27 15.00 22.42
C ALA B 200 -47.79 14.96 22.08
N ILE B 201 -47.27 13.76 21.82
CA ILE B 201 -45.91 13.63 21.34
C ILE B 201 -45.91 12.73 20.11
N ASP B 202 -44.83 12.82 19.33
CA ASP B 202 -44.64 11.92 18.19
C ASP B 202 -43.93 10.67 18.68
N GLY B 203 -44.46 9.50 18.28
CA GLY B 203 -43.85 8.23 18.63
C GLY B 203 -44.69 7.06 18.14
N HIS B 204 -43.99 5.97 17.82
CA HIS B 204 -44.56 4.72 17.37
C HIS B 204 -44.59 3.70 18.50
N VAL B 205 -43.70 3.88 19.51
CA VAL B 205 -43.62 2.90 20.57
C VAL B 205 -43.36 3.63 21.89
N ALA B 206 -43.71 2.97 22.99
CA ALA B 206 -43.70 3.57 24.31
C ALA B 206 -43.72 2.48 25.37
N ILE B 207 -43.03 2.71 26.48
CA ILE B 207 -43.12 1.85 27.65
C ILE B 207 -42.69 2.67 28.88
N PHE B 208 -43.26 2.32 30.04
CA PHE B 208 -42.86 2.87 31.33
C PHE B 208 -42.05 1.79 32.03
N THR B 209 -40.88 2.17 32.57
CA THR B 209 -40.01 1.20 33.21
C THR B 209 -39.32 1.87 34.40
N ASN B 210 -38.31 1.19 34.94
CA ASN B 210 -37.64 1.58 36.17
C ASN B 210 -36.15 1.32 36.02
N ILE B 211 -35.35 2.10 36.76
CA ILE B 211 -33.91 1.87 36.78
C ILE B 211 -33.39 2.19 38.18
N LEU B 212 -32.55 1.27 38.68
CA LEU B 212 -31.79 1.51 39.90
C LEU B 212 -30.53 2.32 39.59
N LEU B 213 -30.44 3.55 40.10
CA LEU B 213 -29.28 4.39 39.95
C LEU B 213 -28.46 4.37 41.24
N GLU B 214 -27.13 4.35 41.09
CA GLU B 214 -26.20 4.48 42.19
C GLU B 214 -26.59 5.71 43.00
N GLY B 215 -26.63 5.56 44.34
CA GLY B 215 -27.04 6.60 45.25
C GLY B 215 -28.46 6.39 45.80
N ASN B 216 -29.28 5.57 45.13
CA ASN B 216 -30.70 5.47 45.45
C ASN B 216 -31.02 4.18 46.21
N GLY B 217 -30.01 3.42 46.61
CA GLY B 217 -30.26 2.22 47.39
C GLY B 217 -31.02 1.19 46.56
N SER B 218 -32.13 0.67 47.12
CA SER B 218 -32.92 -0.34 46.43
C SER B 218 -34.14 0.27 45.75
N THR B 219 -34.27 1.60 45.73
CA THR B 219 -35.45 2.24 45.19
C THR B 219 -35.21 2.66 43.73
N PRO B 220 -35.94 2.10 42.74
CA PRO B 220 -35.83 2.54 41.35
C PRO B 220 -36.40 3.94 41.17
N VAL B 221 -35.93 4.64 40.13
CA VAL B 221 -36.63 5.80 39.60
C VAL B 221 -37.36 5.34 38.34
N GLN B 222 -38.39 6.10 37.95
CA GLN B 222 -39.25 5.77 36.82
C GLN B 222 -38.79 6.55 35.60
N VAL B 223 -38.78 5.86 34.44
CA VAL B 223 -38.48 6.51 33.19
C VAL B 223 -39.51 6.09 32.16
N PHE B 224 -39.76 6.98 31.19
CA PHE B 224 -40.57 6.69 30.03
C PHE B 224 -39.64 6.57 28.83
N VAL B 225 -39.80 5.49 28.07
CA VAL B 225 -38.98 5.22 26.91
C VAL B 225 -39.90 5.25 25.71
N THR B 226 -39.51 6.00 24.68
CA THR B 226 -40.35 6.11 23.50
C THR B 226 -39.45 6.19 22.27
N GLY B 227 -39.94 5.60 21.18
CA GLY B 227 -39.21 5.57 19.93
C GLY B 227 -40.08 6.13 18.81
N ASN B 228 -39.44 6.90 17.91
CA ASN B 228 -40.14 7.59 16.85
C ASN B 228 -39.34 7.46 15.56
N ARG B 229 -40.07 7.54 14.43
CA ARG B 229 -39.47 7.73 13.13
C ARG B 229 -40.23 8.87 12.46
N ASN B 230 -39.51 9.97 12.21
CA ASN B 230 -40.06 11.16 11.61
C ASN B 230 -40.51 10.83 10.17
N ALA B 231 -41.82 10.96 9.91
CA ALA B 231 -42.39 10.54 8.64
C ALA B 231 -41.93 11.43 7.49
N THR B 232 -41.32 12.59 7.78
CA THR B 232 -40.90 13.54 6.75
C THR B 232 -39.42 13.37 6.43
N THR B 233 -38.56 13.34 7.45
CA THR B 233 -37.11 13.27 7.27
C THR B 233 -36.62 11.81 7.24
N GLY B 234 -37.34 10.89 7.89
CA GLY B 234 -36.94 9.49 7.96
C GLY B 234 -36.07 9.20 9.19
N ALA B 235 -35.77 10.24 9.98
CA ALA B 235 -34.83 10.13 11.08
C ALA B 235 -35.49 9.46 12.30
N GLY B 236 -34.83 8.42 12.81
CA GLY B 236 -35.29 7.71 13.99
C GLY B 236 -34.69 8.28 15.27
N GLU B 237 -35.48 8.26 16.34
CA GLU B 237 -35.04 8.79 17.62
C GLU B 237 -35.68 8.01 18.78
N LEU B 238 -34.80 7.55 19.68
CA LEU B 238 -35.17 6.98 20.96
C LEU B 238 -34.95 8.03 22.03
N ARG B 239 -35.89 8.16 22.95
CA ARG B 239 -35.77 9.08 24.06
C ARG B 239 -36.17 8.39 25.35
N ILE B 240 -35.43 8.74 26.41
CA ILE B 240 -35.63 8.21 27.75
C ILE B 240 -35.66 9.39 28.69
N ILE B 241 -36.70 9.49 29.54
CA ILE B 241 -36.88 10.64 30.41
C ILE B 241 -37.56 10.22 31.70
N GLU B 242 -37.17 10.87 32.82
CA GLU B 242 -37.69 10.50 34.13
C GLU B 242 -39.13 11.01 34.28
N ILE B 243 -39.90 10.35 35.17
CA ILE B 243 -41.22 10.82 35.57
C ILE B 243 -41.36 10.62 37.08
N ASP B 244 -41.97 11.59 37.80
CA ASP B 244 -42.39 11.40 39.19
C ASP B 244 -41.21 11.11 40.15
N HIS B 245 -40.23 12.00 40.20
CA HIS B 245 -39.05 11.81 41.03
C HIS B 245 -39.39 11.97 42.52
N ASP B 246 -39.11 10.93 43.32
CA ASP B 246 -39.24 10.96 44.76
C ASP B 246 -38.09 11.78 45.32
N ALA B 247 -38.44 12.86 46.03
CA ALA B 247 -37.45 13.83 46.48
C ALA B 247 -36.48 13.22 47.51
N SER B 248 -36.84 12.09 48.12
CA SER B 248 -35.97 11.41 49.06
C SER B 248 -34.82 10.71 48.34
N LEU B 249 -34.92 10.52 47.01
CA LEU B 249 -33.87 9.87 46.23
C LEU B 249 -32.90 10.92 45.67
N PRO B 250 -31.60 10.89 46.05
CA PRO B 250 -30.64 11.88 45.54
C PRO B 250 -30.28 11.77 44.07
N SER B 251 -30.39 10.57 43.47
CA SER B 251 -29.95 10.39 42.10
C SER B 251 -31.14 10.49 41.15
N GLN B 252 -31.04 11.41 40.18
CA GLN B 252 -32.03 11.60 39.14
C GLN B 252 -31.55 11.03 37.81
N TYR B 253 -32.49 10.61 36.96
CA TYR B 253 -32.17 10.10 35.63
C TYR B 253 -32.05 11.29 34.68
N GLN B 254 -30.90 11.42 34.02
CA GLN B 254 -30.63 12.49 33.07
C GLN B 254 -31.20 12.08 31.71
N LYS B 255 -31.98 12.96 31.09
CA LYS B 255 -32.69 12.67 29.84
C LYS B 255 -31.70 12.17 28.80
N GLU B 256 -32.10 11.22 27.97
CA GLU B 256 -31.21 10.71 26.94
C GLU B 256 -31.94 10.67 25.59
N THR B 257 -31.20 10.91 24.53
CA THR B 257 -31.68 10.85 23.17
C THR B 257 -30.64 10.09 22.35
N THR B 258 -31.06 9.08 21.58
CA THR B 258 -30.15 8.30 20.74
C THR B 258 -30.81 8.15 19.37
N ASP B 259 -30.01 7.95 18.32
CA ASP B 259 -30.54 7.70 16.99
C ASP B 259 -30.99 6.26 16.86
N ILE B 260 -32.06 6.06 16.06
CA ILE B 260 -32.45 4.76 15.57
C ILE B 260 -32.21 4.78 14.08
N PHE B 261 -31.36 3.87 13.62
CA PHE B 261 -30.92 3.83 12.23
C PHE B 261 -31.88 2.98 11.40
N PHE B 262 -32.33 3.55 10.27
CA PHE B 262 -33.12 2.84 9.27
C PHE B 262 -32.33 2.92 7.97
N PRO B 263 -32.01 1.80 7.28
CA PRO B 263 -31.34 1.85 5.98
C PRO B 263 -32.21 2.63 4.99
N PRO B 264 -31.62 3.17 3.91
CA PRO B 264 -32.38 3.98 2.94
C PRO B 264 -33.54 3.25 2.25
N ASP B 265 -33.41 1.92 2.11
CA ASP B 265 -34.41 1.12 1.40
C ASP B 265 -35.41 0.47 2.34
N ALA B 266 -35.49 0.89 3.61
CA ALA B 266 -36.53 0.46 4.52
C ALA B 266 -37.54 1.60 4.69
N THR B 267 -38.10 2.07 3.57
CA THR B 267 -38.91 3.29 3.56
C THR B 267 -40.13 3.18 4.46
N ASN B 268 -40.80 2.02 4.43
CA ASN B 268 -42.07 1.89 5.14
C ASN B 268 -41.89 1.23 6.50
N ASP B 269 -40.65 1.13 7.00
CA ASP B 269 -40.40 0.51 8.29
C ASP B 269 -40.59 1.56 9.38
N PHE B 270 -40.86 1.10 10.60
CA PHE B 270 -40.95 1.97 11.75
C PHE B 270 -40.79 1.09 12.99
N PRO B 271 -40.56 1.68 14.18
CA PRO B 271 -40.58 0.91 15.42
C PRO B 271 -41.97 0.31 15.66
N ILE B 272 -42.01 -0.99 15.95
CA ILE B 272 -43.23 -1.73 16.20
C ILE B 272 -43.35 -2.09 17.68
N ALA B 273 -42.23 -2.23 18.41
CA ALA B 273 -42.30 -2.60 19.82
C ALA B 273 -41.07 -2.13 20.59
N VAL B 274 -41.24 -1.89 21.88
CA VAL B 274 -40.12 -1.64 22.78
C VAL B 274 -40.42 -2.34 24.11
N GLN B 275 -39.48 -3.16 24.56
CA GLN B 275 -39.54 -3.78 25.87
C GLN B 275 -38.23 -3.46 26.59
N VAL B 276 -38.24 -3.53 27.92
CA VAL B 276 -37.07 -3.22 28.70
C VAL B 276 -36.85 -4.26 29.78
N SER B 277 -35.59 -4.69 29.94
CA SER B 277 -35.17 -5.41 31.14
C SER B 277 -34.82 -4.42 32.24
N GLU B 278 -35.63 -4.37 33.31
CA GLU B 278 -35.33 -3.55 34.48
C GLU B 278 -34.08 -4.07 35.18
N LYS B 279 -33.98 -5.38 35.31
CA LYS B 279 -32.88 -5.98 36.03
C LYS B 279 -31.53 -5.59 35.41
N TYR B 280 -31.42 -5.70 34.08
CA TYR B 280 -30.15 -5.55 33.41
C TYR B 280 -29.99 -4.15 32.82
N GLY B 281 -31.08 -3.39 32.70
CA GLY B 281 -31.03 -2.07 32.12
C GLY B 281 -30.78 -2.11 30.62
N ILE B 282 -31.57 -2.91 29.92
CA ILE B 282 -31.43 -3.10 28.49
C ILE B 282 -32.76 -2.75 27.82
N ILE B 283 -32.71 -1.92 26.78
CA ILE B 283 -33.85 -1.63 25.95
C ILE B 283 -33.77 -2.50 24.70
N TYR B 284 -34.87 -3.21 24.41
CA TYR B 284 -35.03 -3.92 23.15
C TYR B 284 -36.07 -3.21 22.28
N LEU B 285 -35.64 -2.76 21.11
CA LEU B 285 -36.52 -2.08 20.17
C LEU B 285 -36.53 -2.88 18.88
N LEU B 286 -37.76 -3.23 18.44
CA LEU B 286 -37.99 -4.01 17.23
C LEU B 286 -38.67 -3.12 16.22
N THR B 287 -38.35 -3.30 14.92
CA THR B 287 -39.07 -2.61 13.85
C THR B 287 -40.00 -3.61 13.17
N LYS B 288 -40.96 -3.08 12.41
CA LYS B 288 -41.89 -3.89 11.65
C LYS B 288 -41.17 -4.84 10.70
N TYR B 289 -40.06 -4.38 10.09
CA TYR B 289 -39.36 -5.20 9.12
C TYR B 289 -38.46 -6.22 9.81
N GLY B 290 -38.42 -6.21 11.15
CA GLY B 290 -37.77 -7.28 11.89
C GLY B 290 -36.34 -6.95 12.34
N PHE B 291 -36.00 -5.66 12.35
CA PHE B 291 -34.71 -5.23 12.88
C PHE B 291 -34.77 -5.09 14.39
N ILE B 292 -33.87 -5.78 15.10
CA ILE B 292 -33.73 -5.67 16.55
C ILE B 292 -32.63 -4.66 16.85
N HIS B 293 -32.90 -3.72 17.77
CA HIS B 293 -31.92 -2.75 18.25
C HIS B 293 -31.82 -2.86 19.77
N LEU B 294 -30.60 -2.96 20.30
CA LEU B 294 -30.39 -2.95 21.74
C LEU B 294 -29.73 -1.65 22.18
N TYR B 295 -30.22 -1.11 23.30
CA TYR B 295 -29.65 0.09 23.91
C TYR B 295 -29.51 -0.15 25.41
N GLU B 296 -28.45 0.44 26.01
CA GLU B 296 -28.27 0.42 27.45
C GLU B 296 -29.10 1.57 28.05
N LEU B 297 -29.83 1.27 29.13
CA LEU B 297 -30.91 2.11 29.64
C LEU B 297 -30.37 3.35 30.34
N GLU B 298 -29.32 3.19 31.16
CA GLU B 298 -28.76 4.31 31.89
C GLU B 298 -28.27 5.41 30.96
N THR B 299 -27.51 5.05 29.91
CA THR B 299 -26.78 5.98 29.07
C THR B 299 -27.53 6.24 27.77
N GLY B 300 -28.37 5.29 27.36
CA GLY B 300 -28.98 5.34 26.04
C GLY B 300 -28.07 4.81 24.93
N THR B 301 -26.90 4.23 25.28
CA THR B 301 -25.92 3.86 24.27
C THR B 301 -26.46 2.72 23.41
N ASN B 302 -26.28 2.86 22.09
CA ASN B 302 -26.60 1.85 21.11
C ASN B 302 -25.60 0.70 21.26
N LEU B 303 -26.09 -0.52 21.51
CA LEU B 303 -25.23 -1.68 21.76
C LEU B 303 -25.11 -2.56 20.53
N PHE B 304 -26.19 -2.71 19.77
CA PHE B 304 -26.31 -3.83 18.84
C PHE B 304 -27.47 -3.56 17.87
N VAL B 305 -27.30 -3.98 16.61
CA VAL B 305 -28.34 -3.88 15.61
C VAL B 305 -28.22 -5.13 14.75
N ASN B 306 -29.33 -5.82 14.53
CA ASN B 306 -29.39 -6.94 13.60
C ASN B 306 -30.84 -7.14 13.15
N ARG B 307 -31.05 -8.14 12.31
CA ARG B 307 -32.36 -8.46 11.77
C ARG B 307 -32.67 -9.90 12.15
N ILE B 308 -33.79 -10.13 12.83
CA ILE B 308 -34.14 -11.46 13.30
C ILE B 308 -35.19 -12.10 12.39
N THR B 309 -35.78 -11.35 11.46
CA THR B 309 -36.76 -11.90 10.53
C THR B 309 -36.90 -10.98 9.33
N ALA B 310 -37.19 -11.56 8.17
CA ALA B 310 -37.55 -10.78 6.98
C ALA B 310 -39.07 -10.69 6.82
N GLU B 311 -39.84 -11.43 7.63
CA GLU B 311 -41.30 -11.31 7.64
C GLU B 311 -41.76 -10.20 8.58
N SER B 312 -42.81 -9.45 8.19
CA SER B 312 -43.36 -8.37 8.99
C SER B 312 -43.75 -8.82 10.40
N VAL B 313 -43.32 -8.06 11.40
CA VAL B 313 -43.71 -8.25 12.79
C VAL B 313 -44.98 -7.43 13.02
N PHE B 314 -45.92 -7.95 13.82
CA PHE B 314 -47.17 -7.22 14.07
C PHE B 314 -47.44 -7.02 15.57
N THR B 315 -46.83 -7.82 16.45
CA THR B 315 -47.01 -7.58 17.88
C THR B 315 -45.84 -8.17 18.66
N ALA B 316 -45.75 -7.81 19.94
CA ALA B 316 -44.62 -8.21 20.78
C ALA B 316 -45.02 -8.10 22.25
N ALA B 317 -44.19 -8.71 23.10
CA ALA B 317 -44.40 -8.71 24.54
C ALA B 317 -43.07 -8.91 25.25
N PRO B 318 -43.02 -8.69 26.58
CA PRO B 318 -41.85 -9.07 27.38
C PRO B 318 -41.65 -10.58 27.30
N TYR B 319 -40.39 -11.00 27.45
CA TYR B 319 -40.03 -12.40 27.45
C TYR B 319 -39.17 -12.72 28.67
N ASN B 320 -39.44 -13.89 29.29
CA ASN B 320 -38.57 -14.51 30.28
C ASN B 320 -38.35 -13.60 31.48
N HIS B 321 -39.41 -13.48 32.31
CA HIS B 321 -39.40 -12.64 33.51
C HIS B 321 -39.06 -11.21 33.12
N GLU B 322 -39.53 -10.78 31.94
CA GLU B 322 -39.41 -9.39 31.49
C GLU B 322 -37.96 -8.96 31.26
N ASN B 323 -37.06 -9.91 30.99
CA ASN B 323 -35.66 -9.60 30.75
C ASN B 323 -35.33 -9.53 29.27
N GLY B 324 -36.32 -9.78 28.41
CA GLY B 324 -36.13 -9.85 26.97
C GLY B 324 -37.39 -9.43 26.23
N ILE B 325 -37.46 -9.75 24.94
CA ILE B 325 -38.58 -9.40 24.09
C ILE B 325 -38.96 -10.64 23.28
N ALA B 326 -40.26 -10.91 23.13
CA ALA B 326 -40.75 -11.87 22.16
C ALA B 326 -41.68 -11.15 21.19
N CYS B 327 -41.71 -11.61 19.93
CA CYS B 327 -42.56 -11.01 18.91
C CYS B 327 -43.21 -12.08 18.05
N ILE B 328 -44.24 -11.67 17.30
CA ILE B 328 -44.90 -12.53 16.33
C ILE B 328 -44.84 -11.85 14.97
N ASN B 329 -44.47 -12.63 13.94
CA ASN B 329 -44.48 -12.15 12.56
C ASN B 329 -45.68 -12.77 11.82
N LYS B 330 -45.91 -12.31 10.59
CA LYS B 330 -47.10 -12.63 9.81
C LYS B 330 -47.09 -14.06 9.30
N LYS B 331 -45.95 -14.73 9.44
CA LYS B 331 -45.86 -16.15 9.11
C LYS B 331 -46.19 -16.98 10.34
N GLY B 332 -46.46 -16.32 11.48
CA GLY B 332 -46.88 -17.03 12.68
C GLY B 332 -45.71 -17.53 13.53
N GLN B 333 -44.49 -17.08 13.21
CA GLN B 333 -43.34 -17.41 14.03
C GLN B 333 -43.33 -16.53 15.28
N VAL B 334 -43.21 -17.15 16.45
CA VAL B 334 -43.01 -16.42 17.69
C VAL B 334 -41.53 -16.48 18.07
N LEU B 335 -40.87 -15.33 17.99
CA LEU B 335 -39.41 -15.25 18.10
C LEU B 335 -39.06 -14.51 19.37
N ALA B 336 -37.96 -14.92 20.03
CA ALA B 336 -37.50 -14.30 21.27
C ALA B 336 -36.02 -13.91 21.17
N VAL B 337 -35.72 -12.76 21.78
CA VAL B 337 -34.38 -12.24 21.92
C VAL B 337 -34.19 -11.84 23.38
N GLU B 338 -33.03 -12.21 23.93
CA GLU B 338 -32.62 -11.73 25.24
C GLU B 338 -31.11 -11.62 25.24
N ILE B 339 -30.55 -10.70 26.03
CA ILE B 339 -29.10 -10.61 26.15
C ILE B 339 -28.59 -11.94 26.67
N SER B 340 -27.37 -12.30 26.23
CA SER B 340 -26.58 -13.34 26.83
C SER B 340 -25.88 -12.77 28.06
N THR B 341 -26.19 -13.35 29.23
CA THR B 341 -25.67 -12.83 30.49
C THR B 341 -24.16 -13.09 30.60
N SER B 342 -23.66 -14.13 29.93
CA SER B 342 -22.23 -14.43 29.99
C SER B 342 -21.42 -13.66 28.94
N GLN B 343 -22.06 -13.19 27.85
CA GLN B 343 -21.34 -12.64 26.71
C GLN B 343 -21.55 -11.14 26.56
N ILE B 344 -22.53 -10.55 27.26
CA ILE B 344 -22.81 -9.13 27.05
C ILE B 344 -21.62 -8.27 27.49
N VAL B 345 -21.05 -8.54 28.67
CA VAL B 345 -19.99 -7.69 29.17
C VAL B 345 -18.73 -7.81 28.29
N PRO B 346 -18.24 -9.02 27.94
CA PRO B 346 -17.16 -9.16 26.95
C PRO B 346 -17.39 -8.45 25.63
N TYR B 347 -18.62 -8.49 25.13
CA TYR B 347 -18.95 -7.84 23.86
C TYR B 347 -18.75 -6.31 24.00
N ILE B 348 -19.29 -5.72 25.08
CA ILE B 348 -19.16 -4.29 25.30
C ILE B 348 -17.69 -3.91 25.45
N LEU B 349 -16.95 -4.77 26.15
CA LEU B 349 -15.56 -4.50 26.47
C LEU B 349 -14.72 -4.58 25.20
N ASN B 350 -14.90 -5.65 24.41
CA ASN B 350 -13.99 -5.96 23.33
C ASN B 350 -14.53 -5.46 22.00
N LYS B 351 -15.84 -5.53 21.75
CA LYS B 351 -16.36 -5.20 20.43
C LYS B 351 -16.78 -3.74 20.39
N LEU B 352 -17.29 -3.21 21.50
CA LEU B 352 -17.61 -1.79 21.60
C LEU B 352 -16.43 -0.97 22.15
N SER B 353 -15.39 -1.65 22.65
CA SER B 353 -14.22 -1.05 23.27
C SER B 353 -14.61 0.02 24.29
N ASN B 354 -15.54 -0.30 25.19
CA ASN B 354 -16.11 0.72 26.06
C ASN B 354 -16.07 0.23 27.52
N VAL B 355 -14.95 0.51 28.20
CA VAL B 355 -14.73 -0.10 29.50
C VAL B 355 -15.72 0.49 30.51
N ALA B 356 -16.01 1.78 30.42
CA ALA B 356 -16.92 2.43 31.35
C ALA B 356 -18.34 1.86 31.25
N LEU B 357 -18.82 1.68 30.01
CA LEU B 357 -20.13 1.11 29.78
C LEU B 357 -20.17 -0.35 30.22
N ALA B 358 -19.09 -1.09 29.96
CA ALA B 358 -19.00 -2.49 30.35
C ALA B 358 -19.19 -2.63 31.87
N LEU B 359 -18.57 -1.72 32.62
CA LEU B 359 -18.67 -1.70 34.07
C LEU B 359 -20.08 -1.32 34.54
N ILE B 360 -20.74 -0.38 33.85
CA ILE B 360 -22.07 0.01 34.21
C ILE B 360 -22.99 -1.21 34.11
N VAL B 361 -22.90 -1.94 32.98
CA VAL B 361 -23.75 -3.08 32.73
C VAL B 361 -23.43 -4.22 33.72
N ALA B 362 -22.13 -4.48 33.94
CA ALA B 362 -21.69 -5.58 34.79
C ALA B 362 -22.18 -5.38 36.22
N THR B 363 -22.10 -4.13 36.70
CA THR B 363 -22.43 -3.77 38.07
C THR B 363 -23.94 -3.83 38.28
N ARG B 364 -24.73 -3.31 37.34
CA ARG B 364 -26.17 -3.32 37.47
C ARG B 364 -26.69 -4.75 37.51
N GLY B 365 -26.16 -5.61 36.64
CA GLY B 365 -26.69 -6.94 36.46
C GLY B 365 -26.04 -8.02 37.33
N GLY B 366 -24.99 -7.67 38.08
CA GLY B 366 -24.18 -8.65 38.79
C GLY B 366 -23.50 -9.63 37.83
N LEU B 367 -23.04 -9.16 36.65
CA LEU B 367 -22.64 -10.01 35.55
C LEU B 367 -21.14 -10.22 35.54
N PRO B 368 -20.66 -11.32 34.91
CA PRO B 368 -19.23 -11.58 34.78
C PRO B 368 -18.62 -10.89 33.56
N GLY B 369 -17.28 -10.72 33.59
CA GLY B 369 -16.49 -10.27 32.45
C GLY B 369 -15.72 -8.97 32.73
N ALA B 370 -15.91 -8.36 33.90
CA ALA B 370 -15.31 -7.06 34.21
C ALA B 370 -14.39 -7.14 35.44
N LEU C 8 75.72 -5.03 -5.02
CA LEU C 8 74.76 -5.44 -6.07
C LEU C 8 74.70 -4.37 -7.15
N PRO C 9 74.64 -4.76 -8.42
CA PRO C 9 74.37 -3.79 -9.49
C PRO C 9 72.88 -3.43 -9.70
N ILE C 10 72.00 -3.88 -8.78
CA ILE C 10 70.58 -3.57 -8.88
C ILE C 10 70.06 -3.04 -7.55
N GLU C 11 68.98 -2.26 -7.63
CA GLU C 11 68.16 -1.87 -6.50
C GLU C 11 66.88 -2.72 -6.57
N PHE C 12 66.53 -3.34 -5.44
CA PHE C 12 65.42 -4.29 -5.37
C PHE C 12 64.53 -3.80 -4.24
N THR C 13 63.27 -3.46 -4.53
CA THR C 13 62.38 -2.85 -3.54
C THR C 13 60.96 -3.41 -3.68
N GLU C 14 60.15 -3.22 -2.64
CA GLU C 14 58.74 -3.54 -2.66
C GLU C 14 57.96 -2.24 -2.78
N LEU C 15 57.09 -2.16 -3.80
CA LEU C 15 56.27 -0.98 -4.07
C LEU C 15 55.02 -1.00 -3.19
N VAL C 16 54.38 -2.17 -3.08
CA VAL C 16 53.18 -2.30 -2.25
C VAL C 16 52.95 -3.78 -1.93
N ASP C 17 52.30 -4.02 -0.78
CA ASP C 17 51.82 -5.33 -0.41
C ASP C 17 50.30 -5.33 -0.51
N LEU C 18 49.75 -6.05 -1.50
CA LEU C 18 48.33 -5.92 -1.83
C LEU C 18 47.46 -6.57 -0.74
N MET C 19 47.96 -7.63 -0.09
CA MET C 19 47.24 -8.25 1.02
C MET C 19 47.11 -7.29 2.19
N SER C 20 48.09 -6.38 2.34
CA SER C 20 48.07 -5.35 3.37
C SER C 20 46.95 -4.34 3.14
N LEU C 21 46.52 -4.20 1.89
CA LEU C 21 45.44 -3.28 1.52
C LEU C 21 44.07 -3.97 1.60
N GLY C 22 44.05 -5.23 2.02
CA GLY C 22 42.81 -5.98 2.24
C GLY C 22 42.32 -6.72 1.00
N ILE C 23 43.18 -6.97 0.01
CA ILE C 23 42.77 -7.73 -1.16
C ILE C 23 42.98 -9.21 -0.87
N SER C 24 41.92 -10.01 -1.01
CA SER C 24 41.98 -11.43 -0.69
C SER C 24 42.72 -12.17 -1.81
N PRO C 25 43.40 -13.30 -1.49
CA PRO C 25 44.23 -14.03 -2.44
C PRO C 25 43.52 -14.54 -3.68
N GLN C 26 42.19 -14.74 -3.59
CA GLN C 26 41.45 -15.27 -4.72
C GLN C 26 41.48 -14.29 -5.89
N PHE C 27 41.77 -12.99 -5.63
CA PHE C 27 41.82 -11.99 -6.70
C PHE C 27 43.24 -11.60 -7.15
N LEU C 28 44.27 -12.12 -6.45
CA LEU C 28 45.65 -11.76 -6.76
C LEU C 28 46.22 -12.76 -7.77
N ASP C 29 45.73 -12.66 -9.00
CA ASP C 29 46.22 -13.50 -10.07
C ASP C 29 45.87 -12.83 -11.39
N PHE C 30 46.27 -13.48 -12.47
CA PHE C 30 46.16 -12.92 -13.81
C PHE C 30 44.69 -12.69 -14.17
N ARG C 31 43.77 -13.46 -13.62
CA ARG C 31 42.35 -13.31 -13.95
C ARG C 31 41.81 -11.95 -13.50
N SER C 32 42.23 -11.44 -12.34
CA SER C 32 41.57 -10.31 -11.69
C SER C 32 42.46 -9.07 -11.50
N THR C 33 43.79 -9.22 -11.54
CA THR C 33 44.69 -8.11 -11.24
C THR C 33 45.47 -7.72 -12.50
N THR C 34 45.41 -6.45 -12.89
CA THR C 34 46.09 -5.96 -14.07
C THR C 34 47.04 -4.82 -13.66
N PHE C 35 48.11 -4.68 -14.45
CA PHE C 35 49.22 -3.78 -14.20
C PHE C 35 49.72 -3.27 -15.56
N GLU C 36 49.13 -2.16 -16.03
CA GLU C 36 49.36 -1.65 -17.36
C GLU C 36 50.61 -0.78 -17.36
N SER C 37 50.97 -0.27 -16.18
CA SER C 37 52.15 0.54 -15.94
C SER C 37 52.39 0.58 -14.44
N ASP C 38 53.48 1.22 -14.04
CA ASP C 38 53.85 1.33 -12.62
C ASP C 38 52.98 2.38 -11.91
N HIS C 39 52.01 2.99 -12.62
CA HIS C 39 51.20 4.03 -12.02
C HIS C 39 50.07 3.44 -11.18
N PHE C 40 49.44 2.36 -11.66
CA PHE C 40 48.22 1.83 -11.07
C PHE C 40 48.26 0.31 -11.04
N VAL C 41 47.71 -0.25 -9.97
CA VAL C 41 47.29 -1.65 -9.95
C VAL C 41 45.76 -1.66 -9.83
N THR C 42 45.11 -2.46 -10.67
CA THR C 42 43.65 -2.58 -10.61
C THR C 42 43.29 -4.01 -10.24
N VAL C 43 42.49 -4.17 -9.20
CA VAL C 43 42.00 -5.49 -8.81
C VAL C 43 40.47 -5.51 -8.96
N ARG C 44 39.99 -6.38 -9.85
CA ARG C 44 38.58 -6.70 -9.89
C ARG C 44 38.26 -7.67 -8.77
N GLU C 45 37.23 -7.36 -7.98
CA GLU C 45 36.75 -8.24 -6.93
C GLU C 45 35.26 -8.51 -7.13
N THR C 46 34.75 -9.50 -6.39
CA THR C 46 33.36 -9.93 -6.46
C THR C 46 32.96 -10.32 -5.04
N LYS C 47 31.72 -10.00 -4.64
CA LYS C 47 31.22 -10.26 -3.31
C LYS C 47 29.69 -10.38 -3.41
N ASP C 48 29.15 -11.57 -3.08
CA ASP C 48 27.70 -11.79 -3.05
C ASP C 48 27.06 -11.30 -4.35
N GLY C 49 27.68 -11.66 -5.49
CA GLY C 49 27.14 -11.36 -6.80
C GLY C 49 27.57 -10.00 -7.35
N THR C 50 28.11 -9.10 -6.52
CA THR C 50 28.40 -7.73 -6.95
C THR C 50 29.89 -7.57 -7.29
N ASN C 51 30.20 -7.02 -8.46
CA ASN C 51 31.58 -6.71 -8.83
C ASN C 51 31.99 -5.33 -8.32
N SER C 52 33.30 -5.16 -8.16
CA SER C 52 33.90 -3.91 -7.72
C SER C 52 35.34 -3.86 -8.21
N VAL C 53 35.92 -2.66 -8.12
CA VAL C 53 37.30 -2.43 -8.48
C VAL C 53 37.96 -1.78 -7.28
N ALA C 54 39.18 -2.25 -6.99
CA ALA C 54 40.13 -1.55 -6.14
C ALA C 54 41.24 -0.99 -7.02
N ILE C 55 41.31 0.33 -7.15
CA ILE C 55 42.38 0.97 -7.91
C ILE C 55 43.46 1.47 -6.96
N VAL C 56 44.65 0.89 -7.08
CA VAL C 56 45.79 1.28 -6.25
C VAL C 56 46.68 2.22 -7.05
N ASP C 57 46.79 3.46 -6.57
CA ASP C 57 47.58 4.49 -7.23
C ASP C 57 48.99 4.55 -6.61
N LEU C 58 49.95 3.95 -7.31
CA LEU C 58 51.32 3.83 -6.80
C LEU C 58 52.01 5.19 -6.75
N ALA C 59 51.51 6.17 -7.53
CA ALA C 59 52.05 7.52 -7.52
C ALA C 59 51.51 8.39 -6.39
N LYS C 60 50.54 7.89 -5.59
CA LYS C 60 49.98 8.66 -4.48
C LYS C 60 49.96 7.81 -3.20
N GLY C 61 51.11 7.26 -2.83
CA GLY C 61 51.25 6.57 -1.55
C GLY C 61 50.43 5.28 -1.46
N ASN C 62 50.14 4.63 -2.59
CA ASN C 62 49.30 3.45 -2.64
C ASN C 62 47.87 3.77 -2.16
N GLU C 63 47.35 4.95 -2.52
CA GLU C 63 45.98 5.33 -2.24
C GLU C 63 45.03 4.42 -3.03
N VAL C 64 43.99 3.89 -2.37
CA VAL C 64 43.09 2.91 -2.97
C VAL C 64 41.72 3.53 -3.21
N THR C 65 41.27 3.50 -4.47
CA THR C 65 39.89 3.84 -4.82
C THR C 65 39.09 2.54 -4.96
N ARG C 66 38.00 2.44 -4.20
CA ARG C 66 37.14 1.28 -4.19
C ARG C 66 35.75 1.68 -4.65
N LYS C 67 35.30 1.12 -5.78
CA LYS C 67 34.00 1.42 -6.38
C LYS C 67 33.34 0.13 -6.88
N ASN C 68 32.04 -0.04 -6.63
CA ASN C 68 31.26 -1.06 -7.31
C ASN C 68 31.28 -0.78 -8.82
N MET C 69 31.16 -1.83 -9.63
CA MET C 69 31.00 -1.70 -11.08
C MET C 69 30.14 -2.85 -11.62
N GLY C 70 29.63 -2.67 -12.84
CA GLY C 70 28.77 -3.65 -13.51
C GLY C 70 29.57 -4.65 -14.35
N GLY C 71 30.79 -4.28 -14.74
CA GLY C 71 31.60 -5.18 -15.53
C GLY C 71 32.37 -6.15 -14.66
N ASP C 72 33.08 -7.08 -15.29
CA ASP C 72 33.82 -8.14 -14.61
C ASP C 72 35.30 -8.08 -14.99
N SER C 73 35.70 -7.01 -15.70
CA SER C 73 37.09 -6.79 -16.05
C SER C 73 37.33 -5.28 -16.18
N ALA C 74 38.46 -4.81 -15.67
CA ALA C 74 38.76 -3.38 -15.66
C ALA C 74 40.27 -3.15 -15.66
N ILE C 75 40.72 -2.17 -16.43
CA ILE C 75 42.13 -1.80 -16.51
C ILE C 75 42.25 -0.27 -16.43
N MET C 76 43.41 0.21 -15.97
CA MET C 76 43.71 1.63 -15.98
C MET C 76 44.66 1.97 -17.14
N HIS C 77 44.55 3.22 -17.61
CA HIS C 77 45.48 3.80 -18.57
C HIS C 77 46.88 3.87 -17.97
N PRO C 78 47.97 3.84 -18.77
CA PRO C 78 49.33 3.90 -18.24
C PRO C 78 49.68 5.09 -17.37
N SER C 79 49.03 6.24 -17.61
CA SER C 79 49.38 7.47 -16.92
C SER C 79 48.15 8.24 -16.44
N GLN C 80 47.06 8.25 -17.20
CA GLN C 80 45.89 9.06 -16.87
C GLN C 80 44.87 8.29 -16.04
N MET C 81 44.00 9.02 -15.37
CA MET C 81 42.92 8.42 -14.60
C MET C 81 41.77 8.08 -15.54
N VAL C 82 42.00 7.08 -16.39
CA VAL C 82 41.06 6.64 -17.41
C VAL C 82 40.90 5.14 -17.24
N ILE C 83 39.66 4.74 -16.94
CA ILE C 83 39.35 3.34 -16.66
C ILE C 83 38.56 2.76 -17.83
N SER C 84 38.90 1.52 -18.19
CA SER C 84 38.22 0.75 -19.20
C SER C 84 37.57 -0.47 -18.54
N VAL C 85 36.28 -0.67 -18.81
CA VAL C 85 35.46 -1.68 -18.14
C VAL C 85 34.78 -2.52 -19.20
N ARG C 86 34.65 -3.82 -18.94
CA ARG C 86 34.00 -4.73 -19.88
C ARG C 86 32.96 -5.61 -19.19
N ALA C 87 31.84 -5.87 -19.87
CA ALA C 87 30.78 -6.77 -19.41
C ALA C 87 30.31 -7.65 -20.56
N ASN C 88 29.82 -8.86 -20.23
CA ASN C 88 29.18 -9.76 -21.19
C ASN C 88 30.08 -10.05 -22.38
N GLY C 89 31.40 -10.01 -22.17
CA GLY C 89 32.38 -10.29 -23.21
C GLY C 89 32.59 -9.13 -24.20
N THR C 90 31.50 -8.48 -24.64
CA THR C 90 31.54 -7.66 -25.83
C THR C 90 31.33 -6.18 -25.53
N ILE C 91 30.83 -5.85 -24.34
CA ILE C 91 30.41 -4.49 -24.04
C ILE C 91 31.56 -3.78 -23.33
N VAL C 92 32.04 -2.68 -23.93
CA VAL C 92 33.17 -1.96 -23.39
C VAL C 92 32.78 -0.50 -23.20
N GLN C 93 33.15 0.05 -22.04
CA GLN C 93 32.96 1.46 -21.75
C GLN C 93 34.23 1.99 -21.12
N ILE C 94 34.59 3.24 -21.47
CA ILE C 94 35.84 3.82 -21.05
C ILE C 94 35.54 5.22 -20.52
N PHE C 95 35.99 5.52 -19.30
CA PHE C 95 35.63 6.74 -18.60
C PHE C 95 36.88 7.45 -18.11
N ASN C 96 36.86 8.78 -18.21
CA ASN C 96 37.78 9.64 -17.47
C ASN C 96 37.23 9.88 -16.05
N LEU C 97 37.96 9.42 -15.03
CA LEU C 97 37.50 9.47 -13.65
C LEU C 97 37.50 10.90 -13.10
N GLU C 98 38.34 11.79 -13.65
CA GLU C 98 38.40 13.17 -13.17
C GLU C 98 37.27 14.02 -13.76
N THR C 99 37.13 14.01 -15.08
CA THR C 99 36.13 14.83 -15.77
C THR C 99 34.77 14.13 -15.80
N LYS C 100 34.74 12.84 -15.49
CA LYS C 100 33.51 12.04 -15.45
C LYS C 100 33.04 11.71 -16.87
N SER C 101 33.83 12.03 -17.90
CA SER C 101 33.38 11.91 -19.27
C SER C 101 33.50 10.47 -19.79
N LYS C 102 32.56 10.07 -20.63
CA LYS C 102 32.59 8.78 -21.28
C LYS C 102 33.35 8.91 -22.59
N LEU C 103 34.50 8.26 -22.72
CA LEU C 103 35.35 8.40 -23.89
C LEU C 103 34.92 7.42 -24.98
N LYS C 104 34.54 6.21 -24.57
CA LYS C 104 34.16 5.18 -25.50
C LYS C 104 33.02 4.36 -24.90
N SER C 105 32.15 3.90 -25.79
CA SER C 105 31.04 3.02 -25.47
C SER C 105 30.67 2.24 -26.73
N PHE C 106 31.03 0.95 -26.79
CA PHE C 106 30.71 0.13 -27.94
C PHE C 106 30.54 -1.33 -27.52
N THR C 107 30.04 -2.12 -28.49
CA THR C 107 29.92 -3.57 -28.39
C THR C 107 30.77 -4.21 -29.50
N LEU C 108 31.67 -5.12 -29.14
CA LEU C 108 32.42 -5.86 -30.13
C LEU C 108 31.55 -6.97 -30.74
N ASP C 109 31.99 -7.47 -31.90
CA ASP C 109 31.35 -8.56 -32.61
C ASP C 109 31.58 -9.89 -31.87
N GLU C 110 32.70 -10.01 -31.16
CA GLU C 110 33.09 -11.25 -30.51
C GLU C 110 33.62 -10.92 -29.11
N PRO C 111 33.47 -11.82 -28.11
CA PRO C 111 33.98 -11.55 -26.76
C PRO C 111 35.49 -11.28 -26.70
N VAL C 112 35.87 -10.29 -25.88
CA VAL C 112 37.26 -9.97 -25.61
C VAL C 112 37.81 -11.00 -24.63
N ILE C 113 38.94 -11.64 -24.94
CA ILE C 113 39.54 -12.57 -24.02
C ILE C 113 40.89 -12.07 -23.54
N PHE C 114 41.38 -10.94 -24.08
CA PHE C 114 42.59 -10.31 -23.58
C PHE C 114 42.61 -8.86 -24.04
N TRP C 115 43.05 -7.97 -23.18
CA TRP C 115 43.29 -6.59 -23.58
C TRP C 115 44.43 -5.98 -22.79
N ARG C 116 45.01 -4.93 -23.37
CA ARG C 116 46.14 -4.22 -22.79
C ARG C 116 46.36 -2.96 -23.60
N TRP C 117 46.72 -1.88 -22.90
CA TRP C 117 47.17 -0.65 -23.52
C TRP C 117 48.44 -0.92 -24.31
N LEU C 118 48.44 -0.49 -25.58
CA LEU C 118 49.57 -0.68 -26.47
C LEU C 118 50.49 0.55 -26.43
N SER C 119 49.93 1.71 -26.11
CA SER C 119 50.63 2.97 -26.03
C SER C 119 49.75 3.91 -25.20
N GLU C 120 50.14 5.18 -25.14
CA GLU C 120 49.34 6.20 -24.47
C GLU C 120 48.02 6.48 -25.23
N THR C 121 47.95 6.14 -26.53
CA THR C 121 46.83 6.56 -27.37
C THR C 121 45.89 5.39 -27.62
N THR C 122 46.41 4.16 -27.57
CA THR C 122 45.77 3.06 -28.28
C THR C 122 45.61 1.85 -27.34
N LEU C 123 44.37 1.34 -27.27
CA LEU C 123 44.04 0.15 -26.50
C LEU C 123 43.90 -1.05 -27.45
N GLY C 124 44.48 -2.19 -27.07
CA GLY C 124 44.50 -3.40 -27.88
C GLY C 124 43.57 -4.48 -27.33
N PHE C 125 42.93 -5.20 -28.24
CA PHE C 125 41.95 -6.22 -27.89
C PHE C 125 42.29 -7.49 -28.66
N VAL C 126 42.12 -8.64 -28.02
CA VAL C 126 42.22 -9.92 -28.70
C VAL C 126 40.96 -10.70 -28.36
N THR C 127 40.31 -11.25 -29.41
CA THR C 127 39.15 -12.10 -29.27
C THR C 127 39.58 -13.52 -29.63
N ALA C 128 38.60 -14.43 -29.65
CA ALA C 128 38.80 -15.81 -30.09
C ALA C 128 39.46 -15.85 -31.47
N ARG C 129 39.07 -14.94 -32.40
CA ARG C 129 39.54 -15.02 -33.76
C ARG C 129 40.27 -13.77 -34.26
N SER C 130 40.26 -12.65 -33.51
CA SER C 130 40.62 -11.36 -34.09
C SER C 130 41.51 -10.55 -33.15
N ILE C 131 42.23 -9.61 -33.75
CA ILE C 131 43.11 -8.67 -33.04
C ILE C 131 42.71 -7.27 -33.49
N LEU C 132 42.38 -6.38 -32.53
CA LEU C 132 41.80 -5.08 -32.83
C LEU C 132 42.44 -4.02 -31.95
N THR C 133 42.30 -2.74 -32.38
CA THR C 133 42.79 -1.60 -31.61
C THR C 133 41.76 -0.49 -31.61
N SER C 134 41.79 0.34 -30.55
CA SER C 134 40.90 1.48 -30.43
C SER C 134 41.74 2.73 -30.13
N ASN C 135 41.52 3.77 -30.93
CA ASN C 135 42.05 5.10 -30.65
C ASN C 135 41.13 5.77 -29.64
N VAL C 136 41.44 5.56 -28.36
CA VAL C 136 40.49 5.83 -27.30
C VAL C 136 40.18 7.32 -27.15
N PHE C 137 41.15 8.20 -27.48
CA PHE C 137 40.99 9.63 -27.24
C PHE C 137 40.63 10.40 -28.51
N ASP C 138 40.15 9.73 -29.56
CA ASP C 138 39.83 10.44 -30.80
C ASP C 138 38.46 11.09 -30.74
N GLY C 139 37.66 10.87 -29.69
CA GLY C 139 36.41 11.57 -29.49
C GLY C 139 35.22 10.93 -30.21
N ASN C 140 35.43 9.80 -30.92
CA ASN C 140 34.33 9.11 -31.57
C ASN C 140 33.83 8.05 -30.60
N VAL C 141 32.84 8.42 -29.78
CA VAL C 141 32.50 7.67 -28.59
C VAL C 141 32.05 6.26 -28.96
N ASN C 142 31.29 6.11 -30.04
CA ASN C 142 30.63 4.85 -30.35
C ASN C 142 31.37 4.04 -31.42
N ALA C 143 32.52 4.52 -31.90
CA ALA C 143 33.25 3.79 -32.94
C ALA C 143 33.85 2.49 -32.37
N LYS C 144 33.57 1.36 -33.03
CA LYS C 144 34.10 0.06 -32.64
C LYS C 144 35.60 -0.04 -32.92
N PRO C 145 36.34 -0.93 -32.22
CA PRO C 145 37.76 -1.14 -32.50
C PRO C 145 37.96 -1.56 -33.96
N GLN C 146 39.07 -1.13 -34.55
CA GLN C 146 39.36 -1.46 -35.92
C GLN C 146 40.11 -2.78 -35.96
N LEU C 147 39.80 -3.62 -36.95
CA LEU C 147 40.45 -4.90 -37.10
C LEU C 147 41.88 -4.67 -37.54
N LEU C 148 42.84 -5.21 -36.80
CA LEU C 148 44.24 -5.16 -37.20
C LEU C 148 44.52 -6.36 -38.11
N THR C 149 44.21 -7.57 -37.62
CA THR C 149 44.40 -8.81 -38.36
C THR C 149 43.63 -9.93 -37.66
N LEU C 150 43.34 -10.99 -38.40
CA LEU C 150 42.82 -12.21 -37.84
C LEU C 150 43.95 -12.94 -37.13
N ARG C 151 43.63 -13.62 -36.03
CA ARG C 151 44.58 -14.52 -35.38
C ARG C 151 44.90 -15.68 -36.34
N HIS C 152 46.16 -16.11 -36.33
CA HIS C 152 46.60 -17.24 -37.13
C HIS C 152 46.57 -18.51 -36.28
N ALA C 153 46.76 -19.65 -36.96
CA ALA C 153 46.64 -20.98 -36.36
C ALA C 153 47.67 -21.24 -35.25
N ASN C 154 48.82 -20.56 -35.28
CA ASN C 154 49.86 -20.79 -34.31
C ASN C 154 49.40 -20.38 -32.90
N LEU C 155 48.40 -19.48 -32.79
CA LEU C 155 47.83 -19.10 -31.50
C LEU C 155 46.64 -19.97 -31.09
N ASN C 156 46.31 -21.01 -31.87
CA ASN C 156 45.19 -21.88 -31.56
C ASN C 156 45.44 -22.61 -30.23
N ASN C 157 44.38 -22.69 -29.41
CA ASN C 157 44.39 -23.46 -28.17
C ASN C 157 45.38 -22.87 -27.18
N THR C 158 45.67 -21.57 -27.26
CA THR C 158 46.53 -20.91 -26.30
C THR C 158 45.69 -20.05 -25.37
N GLN C 159 46.26 -19.75 -24.20
CA GLN C 159 45.80 -18.64 -23.40
C GLN C 159 46.59 -17.40 -23.80
N ILE C 160 45.89 -16.34 -24.21
CA ILE C 160 46.54 -15.11 -24.67
C ILE C 160 46.95 -14.32 -23.43
N ILE C 161 48.23 -13.93 -23.33
CA ILE C 161 48.77 -13.32 -22.13
C ILE C 161 49.44 -11.97 -22.39
N ASN C 162 49.63 -11.60 -23.66
CA ASN C 162 50.19 -10.28 -23.93
C ASN C 162 49.90 -9.83 -25.36
N PHE C 163 49.95 -8.50 -25.50
CA PHE C 163 49.76 -7.81 -26.76
C PHE C 163 50.60 -6.55 -26.63
N VAL C 164 51.61 -6.42 -27.51
CA VAL C 164 52.54 -5.30 -27.46
C VAL C 164 52.71 -4.72 -28.86
N ALA C 165 53.14 -3.46 -28.89
CA ALA C 165 53.34 -2.75 -30.16
C ALA C 165 54.50 -1.79 -30.03
N ASN C 166 55.04 -1.35 -31.17
CA ASN C 166 56.00 -0.26 -31.18
C ASN C 166 55.24 1.05 -31.03
N LYS C 167 55.96 2.12 -30.69
CA LYS C 167 55.37 3.44 -30.51
C LYS C 167 54.68 3.88 -31.80
N ASN C 168 55.27 3.57 -32.96
CA ASN C 168 54.69 3.92 -34.26
C ASN C 168 53.40 3.16 -34.56
N LEU C 169 53.08 2.11 -33.80
CA LEU C 169 51.89 1.33 -34.01
C LEU C 169 51.82 0.78 -35.44
N ASP C 170 52.94 0.25 -35.93
CA ASP C 170 52.95 -0.44 -37.21
C ASP C 170 53.59 -1.83 -37.09
N TRP C 171 54.09 -2.18 -35.90
CA TRP C 171 54.54 -3.53 -35.60
C TRP C 171 53.91 -3.96 -34.28
N PHE C 172 53.51 -5.23 -34.22
CA PHE C 172 52.69 -5.73 -33.15
C PHE C 172 53.11 -7.18 -32.89
N ALA C 173 52.92 -7.63 -31.64
CA ALA C 173 53.08 -9.03 -31.31
C ALA C 173 52.03 -9.42 -30.28
N VAL C 174 51.42 -10.59 -30.50
CA VAL C 174 50.44 -11.17 -29.59
C VAL C 174 51.03 -12.49 -29.11
N VAL C 175 51.02 -12.67 -27.79
CA VAL C 175 51.63 -13.82 -27.17
C VAL C 175 50.53 -14.72 -26.58
N GLY C 176 50.57 -16.01 -26.94
CA GLY C 176 49.78 -17.05 -26.29
C GLY C 176 50.68 -18.16 -25.73
N ILE C 177 50.23 -18.79 -24.64
CA ILE C 177 50.92 -19.97 -24.13
C ILE C 177 49.97 -21.17 -24.17
N LEU C 178 50.56 -22.36 -24.33
CA LEU C 178 49.82 -23.60 -24.17
C LEU C 178 50.72 -24.59 -23.44
N GLN C 179 50.09 -25.57 -22.80
CA GLN C 179 50.81 -26.66 -22.19
C GLN C 179 51.01 -27.75 -23.23
N GLU C 180 52.24 -28.18 -23.40
CA GLU C 180 52.59 -29.18 -24.38
C GLU C 180 53.52 -30.19 -23.72
N ASN C 181 53.03 -31.41 -23.54
CA ASN C 181 53.81 -32.45 -22.90
C ASN C 181 54.29 -31.99 -21.53
N GLY C 182 53.43 -31.31 -20.78
CA GLY C 182 53.70 -30.96 -19.39
C GLY C 182 54.67 -29.78 -19.24
N ARG C 183 54.94 -29.04 -20.31
CA ARG C 183 55.74 -27.82 -20.27
C ARG C 183 54.95 -26.70 -20.93
N ILE C 184 55.22 -25.46 -20.53
CA ILE C 184 54.56 -24.30 -21.09
C ILE C 184 55.34 -23.85 -22.31
N ALA C 185 54.73 -24.01 -23.48
CA ALA C 185 55.26 -23.49 -24.73
C ALA C 185 54.63 -22.12 -25.00
N GLY C 186 55.39 -21.27 -25.68
CA GLY C 186 55.00 -19.92 -26.03
C GLY C 186 54.93 -19.73 -27.54
N ARG C 187 53.88 -19.04 -28.01
CA ARG C 187 53.62 -18.84 -29.41
C ARG C 187 53.36 -17.36 -29.61
N ILE C 188 53.99 -16.77 -30.63
CA ILE C 188 53.85 -15.34 -30.87
C ILE C 188 53.41 -15.12 -32.31
N GLN C 189 52.36 -14.31 -32.49
CA GLN C 189 52.00 -13.80 -33.80
C GLN C 189 52.57 -12.38 -33.95
N LEU C 190 53.59 -12.26 -34.82
CA LEU C 190 54.20 -10.98 -35.13
C LEU C 190 53.51 -10.45 -36.38
N PHE C 191 53.12 -9.18 -36.35
CA PHE C 191 52.34 -8.59 -37.41
C PHE C 191 52.97 -7.25 -37.80
N SER C 192 53.25 -7.11 -39.10
CA SER C 192 53.66 -5.85 -39.68
C SER C 192 52.46 -5.24 -40.41
N LYS C 193 52.02 -4.09 -39.91
CA LYS C 193 50.88 -3.41 -40.52
C LYS C 193 51.23 -2.91 -41.91
N GLN C 194 52.47 -2.50 -42.11
CA GLN C 194 52.87 -1.91 -43.39
C GLN C 194 52.78 -2.95 -44.51
N ARG C 195 53.19 -4.19 -44.26
CA ARG C 195 53.18 -5.24 -45.26
C ARG C 195 51.91 -6.08 -45.16
N ASN C 196 51.12 -5.87 -44.09
CA ASN C 196 49.91 -6.65 -43.85
C ASN C 196 50.22 -8.15 -43.88
N ILE C 197 51.26 -8.57 -43.15
CA ILE C 197 51.72 -9.96 -43.11
C ILE C 197 52.03 -10.32 -41.68
N SER C 198 51.70 -11.54 -41.27
CA SER C 198 52.05 -12.04 -39.95
C SER C 198 53.13 -13.12 -40.06
N GLN C 199 53.87 -13.35 -38.98
CA GLN C 199 54.84 -14.42 -38.93
C GLN C 199 54.73 -15.08 -37.55
N ALA C 200 54.69 -16.40 -37.56
CA ALA C 200 54.63 -17.21 -36.36
C ALA C 200 56.04 -17.46 -35.85
N ILE C 201 56.30 -17.08 -34.60
CA ILE C 201 57.57 -17.42 -33.97
C ILE C 201 57.29 -18.05 -32.61
N ASP C 202 58.30 -18.74 -32.09
CA ASP C 202 58.24 -19.30 -30.74
C ASP C 202 58.73 -18.24 -29.77
N GLY C 203 57.97 -18.03 -28.68
CA GLY C 203 58.36 -17.08 -27.66
C GLY C 203 57.28 -16.94 -26.58
N HIS C 204 57.73 -16.69 -25.36
CA HIS C 204 56.89 -16.46 -24.20
C HIS C 204 56.79 -14.98 -23.89
N VAL C 205 57.77 -14.18 -24.34
CA VAL C 205 57.78 -12.76 -24.01
C VAL C 205 58.28 -11.97 -25.21
N ALA C 206 57.89 -10.69 -25.26
CA ALA C 206 58.18 -9.85 -26.40
C ALA C 206 58.04 -8.39 -26.00
N ILE C 207 58.88 -7.54 -26.59
CA ILE C 207 58.73 -6.10 -26.46
C ILE C 207 59.41 -5.42 -27.64
N PHE C 208 58.89 -4.26 -28.04
CA PHE C 208 59.49 -3.40 -29.05
C PHE C 208 60.15 -2.24 -28.31
N THR C 209 61.42 -1.95 -28.65
CA THR C 209 62.15 -0.91 -27.96
C THR C 209 63.06 -0.19 -28.96
N ASN C 210 63.99 0.61 -28.45
CA ASN C 210 64.81 1.49 -29.24
C ASN C 210 66.21 1.53 -28.62
N ILE C 211 67.21 1.78 -29.46
CA ILE C 211 68.58 1.95 -28.98
C ILE C 211 69.26 3.01 -29.83
N LEU C 212 69.98 3.91 -29.13
CA LEU C 212 70.87 4.86 -29.78
C LEU C 212 72.21 4.20 -30.08
N LEU C 213 72.56 4.06 -31.35
CA LEU C 213 73.86 3.52 -31.75
C LEU C 213 74.78 4.65 -32.18
N GLU C 214 76.06 4.54 -31.82
CA GLU C 214 77.09 5.45 -32.29
C GLU C 214 77.01 5.54 -33.80
N GLY C 215 77.08 6.77 -34.32
CA GLY C 215 76.96 7.04 -35.74
C GLY C 215 75.58 7.61 -36.11
N ASN C 216 74.56 7.43 -35.25
CA ASN C 216 73.19 7.74 -35.60
C ASN C 216 72.70 9.01 -34.91
N GLY C 217 73.59 9.76 -34.25
CA GLY C 217 73.19 11.02 -33.67
C GLY C 217 72.18 10.79 -32.56
N SER C 218 71.05 11.53 -32.61
CA SER C 218 70.02 11.41 -31.59
C SER C 218 68.88 10.52 -32.03
N THR C 219 69.00 9.85 -33.18
CA THR C 219 67.91 9.04 -33.69
C THR C 219 68.09 7.57 -33.31
N PRO C 220 67.17 6.98 -32.49
CA PRO C 220 67.24 5.55 -32.18
C PRO C 220 66.92 4.70 -33.40
N VAL C 221 67.41 3.46 -33.38
CA VAL C 221 66.90 2.41 -34.25
C VAL C 221 66.00 1.52 -33.40
N GLN C 222 65.07 0.81 -34.08
CA GLN C 222 64.09 -0.02 -33.43
C GLN C 222 64.56 -1.47 -33.40
N VAL C 223 64.34 -2.12 -32.26
CA VAL C 223 64.64 -3.54 -32.12
C VAL C 223 63.46 -4.23 -31.45
N PHE C 224 63.29 -5.50 -31.82
CA PHE C 224 62.33 -6.38 -31.17
C PHE C 224 63.11 -7.36 -30.31
N VAL C 225 62.68 -7.50 -29.06
CA VAL C 225 63.33 -8.36 -28.10
C VAL C 225 62.33 -9.44 -27.73
N THR C 226 62.75 -10.71 -27.80
CA THR C 226 61.84 -11.79 -27.49
C THR C 226 62.62 -12.88 -26.78
N GLY C 227 61.94 -13.54 -25.85
CA GLY C 227 62.53 -14.61 -25.06
C GLY C 227 61.68 -15.86 -25.19
N ASN C 228 62.37 -17.02 -25.25
CA ASN C 228 61.72 -18.29 -25.47
C ASN C 228 62.34 -19.34 -24.58
N ARG C 229 61.54 -20.37 -24.26
CA ARG C 229 62.04 -21.60 -23.66
C ARG C 229 61.45 -22.75 -24.48
N ASN C 230 62.35 -23.49 -25.12
CA ASN C 230 61.97 -24.62 -25.96
C ASN C 230 61.35 -25.69 -25.08
N ALA C 231 60.07 -26.01 -25.34
CA ALA C 231 59.30 -26.93 -24.51
C ALA C 231 59.81 -28.36 -24.62
N THR C 232 60.66 -28.67 -25.61
CA THR C 232 61.15 -30.03 -25.84
C THR C 232 62.53 -30.21 -25.22
N THR C 233 63.47 -29.28 -25.50
CA THR C 233 64.85 -29.38 -25.04
C THR C 233 65.07 -28.70 -23.69
N GLY C 234 64.24 -27.68 -23.38
CA GLY C 234 64.37 -26.93 -22.14
C GLY C 234 65.28 -25.70 -22.30
N ALA C 235 65.85 -25.53 -23.50
CA ALA C 235 66.85 -24.50 -23.75
C ALA C 235 66.17 -23.13 -23.87
N GLY C 236 66.70 -22.16 -23.14
CA GLY C 236 66.22 -20.78 -23.19
C GLY C 236 67.01 -19.95 -24.17
N GLU C 237 66.35 -19.02 -24.85
CA GLU C 237 66.99 -18.17 -25.84
C GLU C 237 66.33 -16.79 -25.86
N LEU C 238 67.20 -15.78 -25.75
CA LEU C 238 66.85 -14.38 -25.94
C LEU C 238 67.38 -13.95 -27.32
N ARG C 239 66.56 -13.24 -28.07
CA ARG C 239 66.92 -12.72 -29.37
C ARG C 239 66.53 -11.26 -29.46
N ILE C 240 67.40 -10.49 -30.12
CA ILE C 240 67.21 -9.07 -30.35
C ILE C 240 67.49 -8.83 -31.83
N ILE C 241 66.56 -8.16 -32.54
CA ILE C 241 66.68 -7.98 -33.97
C ILE C 241 66.08 -6.64 -34.38
N GLU C 242 66.68 -5.99 -35.40
CA GLU C 242 66.23 -4.68 -35.82
C GLU C 242 64.93 -4.81 -36.62
N ILE C 243 64.13 -3.73 -36.66
CA ILE C 243 62.97 -3.61 -37.52
C ILE C 243 62.96 -2.21 -38.12
N ASP C 244 62.63 -2.09 -39.42
CA ASP C 244 62.27 -0.82 -40.04
C ASP C 244 63.42 0.21 -40.01
N HIS C 245 64.57 -0.17 -40.56
CA HIS C 245 65.76 0.67 -40.55
C HIS C 245 65.61 1.87 -41.48
N ASP C 246 65.76 3.08 -40.95
CA ASP C 246 65.74 4.31 -41.73
C ASP C 246 67.09 4.43 -42.44
N ALA C 247 67.03 4.50 -43.78
CA ALA C 247 68.25 4.43 -44.58
C ALA C 247 69.14 5.65 -44.37
N SER C 248 68.62 6.74 -43.78
CA SER C 248 69.41 7.91 -43.43
C SER C 248 70.38 7.61 -42.28
N LEU C 249 70.13 6.56 -41.50
CA LEU C 249 70.97 6.21 -40.36
C LEU C 249 72.05 5.21 -40.78
N PRO C 250 73.36 5.57 -40.69
CA PRO C 250 74.43 4.64 -41.10
C PRO C 250 74.62 3.42 -40.20
N SER C 251 74.25 3.50 -38.92
CA SER C 251 74.52 2.40 -38.01
C SER C 251 73.29 1.50 -37.88
N GLN C 252 73.48 0.21 -38.15
CA GLN C 252 72.45 -0.80 -38.01
C GLN C 252 72.69 -1.67 -36.78
N TYR C 253 71.60 -2.20 -36.21
CA TYR C 253 71.70 -3.12 -35.09
C TYR C 253 71.94 -4.53 -35.62
N GLN C 254 73.03 -5.16 -35.17
CA GLN C 254 73.40 -6.52 -35.53
C GLN C 254 72.63 -7.50 -34.64
N LYS C 255 71.98 -8.48 -35.25
CA LYS C 255 71.12 -9.43 -34.56
C LYS C 255 71.88 -10.07 -33.42
N GLU C 256 71.24 -10.32 -32.29
CA GLU C 256 71.92 -10.97 -31.17
C GLU C 256 71.07 -12.13 -30.67
N THR C 257 71.75 -13.17 -30.18
CA THR C 257 71.13 -14.31 -29.59
C THR C 257 71.93 -14.64 -28.33
N THR C 258 71.26 -14.83 -27.19
CA THR C 258 71.93 -15.15 -25.94
C THR C 258 71.13 -16.25 -25.27
N ASP C 259 71.81 -17.07 -24.45
CA ASP C 259 71.13 -18.11 -23.68
C ASP C 259 70.40 -17.49 -22.50
N ILE C 260 69.26 -18.11 -22.16
CA ILE C 260 68.60 -17.88 -20.89
C ILE C 260 68.69 -19.19 -20.13
N PHE C 261 69.33 -19.12 -18.96
CA PHE C 261 69.61 -20.30 -18.16
C PHE C 261 68.43 -20.62 -17.25
N PHE C 262 67.99 -21.88 -17.27
CA PHE C 262 67.00 -22.41 -16.34
C PHE C 262 67.67 -23.57 -15.61
N PRO C 263 67.70 -23.61 -14.26
CA PRO C 263 68.25 -24.76 -13.54
C PRO C 263 67.46 -26.01 -13.91
N PRO C 264 68.04 -27.22 -13.71
CA PRO C 264 67.37 -28.45 -14.12
C PRO C 264 66.07 -28.74 -13.37
N ASP C 265 65.93 -28.20 -12.15
CA ASP C 265 64.74 -28.45 -11.33
C ASP C 265 63.72 -27.32 -11.41
N ALA C 266 63.84 -26.43 -12.40
CA ALA C 266 62.83 -25.43 -12.67
C ALA C 266 62.04 -25.84 -13.92
N THR C 267 61.49 -27.04 -13.90
CA THR C 267 60.90 -27.70 -15.06
C THR C 267 59.82 -26.86 -15.71
N ASN C 268 58.91 -26.32 -14.89
CA ASN C 268 57.72 -25.67 -15.41
C ASN C 268 57.88 -24.16 -15.43
N ASP C 269 59.12 -23.65 -15.32
CA ASP C 269 59.37 -22.23 -15.37
C ASP C 269 59.47 -21.80 -16.83
N PHE C 270 59.22 -20.52 -17.08
CA PHE C 270 59.38 -19.95 -18.39
C PHE C 270 59.50 -18.43 -18.22
N PRO C 271 59.95 -17.69 -19.25
CA PRO C 271 59.91 -16.23 -19.21
C PRO C 271 58.46 -15.74 -19.10
N ILE C 272 58.21 -14.84 -18.15
CA ILE C 272 56.90 -14.28 -17.88
C ILE C 272 56.86 -12.82 -18.33
N ALA C 273 57.99 -12.10 -18.33
CA ALA C 273 57.99 -10.69 -18.69
C ALA C 273 59.35 -10.24 -19.21
N VAL C 274 59.32 -9.23 -20.07
CA VAL C 274 60.55 -8.56 -20.50
C VAL C 274 60.24 -7.06 -20.60
N GLN C 275 61.08 -6.26 -19.94
CA GLN C 275 61.02 -4.81 -20.05
C GLN C 275 62.44 -4.34 -20.39
N VAL C 276 62.53 -3.16 -21.00
CA VAL C 276 63.82 -2.62 -21.42
C VAL C 276 63.92 -1.15 -21.01
N SER C 277 65.07 -0.78 -20.45
CA SER C 277 65.45 0.62 -20.34
C SER C 277 66.09 1.08 -21.64
N GLU C 278 65.41 1.99 -22.36
CA GLU C 278 65.96 2.61 -23.57
C GLU C 278 67.16 3.48 -23.21
N LYS C 279 67.02 4.24 -22.12
CA LYS C 279 68.07 5.18 -21.74
C LYS C 279 69.39 4.45 -21.52
N TYR C 280 69.37 3.36 -20.75
CA TYR C 280 70.59 2.72 -20.30
C TYR C 280 70.94 1.50 -21.16
N GLY C 281 69.99 1.01 -21.97
CA GLY C 281 70.25 -0.15 -22.82
C GLY C 281 70.32 -1.43 -22.00
N ILE C 282 69.34 -1.63 -21.12
CA ILE C 282 69.32 -2.78 -20.24
C ILE C 282 68.01 -3.55 -20.48
N ILE C 283 68.14 -4.87 -20.64
CA ILE C 283 67.00 -5.76 -20.74
C ILE C 283 66.78 -6.42 -19.37
N TYR C 284 65.55 -6.33 -18.86
CA TYR C 284 65.15 -7.08 -17.68
C TYR C 284 64.19 -8.19 -18.09
N LEU C 285 64.60 -9.42 -17.80
CA LEU C 285 63.79 -10.59 -18.10
C LEU C 285 63.48 -11.32 -16.80
N LEU C 286 62.20 -11.54 -16.56
CA LEU C 286 61.70 -12.19 -15.36
C LEU C 286 61.11 -13.53 -15.77
N THR C 287 61.28 -14.56 -14.94
CA THR C 287 60.61 -15.84 -15.14
C THR C 287 59.45 -15.95 -14.16
N LYS C 288 58.54 -16.89 -14.44
CA LYS C 288 57.39 -17.16 -13.58
C LYS C 288 57.84 -17.49 -12.16
N TYR C 289 58.94 -18.24 -12.02
CA TYR C 289 59.39 -18.67 -10.70
C TYR C 289 60.14 -17.56 -9.97
N GLY C 290 60.31 -16.41 -10.61
CA GLY C 290 60.82 -15.23 -9.93
C GLY C 290 62.32 -15.00 -10.14
N PHE C 291 62.91 -15.62 -11.17
CA PHE C 291 64.30 -15.35 -11.52
C PHE C 291 64.39 -14.09 -12.39
N ILE C 292 65.21 -13.12 -11.95
CA ILE C 292 65.50 -11.92 -12.72
C ILE C 292 66.79 -12.14 -13.51
N HIS C 293 66.78 -11.80 -14.81
CA HIS C 293 67.97 -11.86 -15.66
C HIS C 293 68.18 -10.48 -16.30
N LEU C 294 69.42 -9.95 -16.21
CA LEU C 294 69.74 -8.69 -16.87
C LEU C 294 70.69 -8.94 -18.06
N TYR C 295 70.41 -8.25 -19.17
CA TYR C 295 71.23 -8.30 -20.37
C TYR C 295 71.47 -6.89 -20.86
N GLU C 296 72.67 -6.65 -21.44
CA GLU C 296 72.96 -5.39 -22.10
C GLU C 296 72.42 -5.45 -23.53
N LEU C 297 71.74 -4.37 -23.95
CA LEU C 297 70.90 -4.36 -25.13
C LEU C 297 71.74 -4.34 -26.42
N GLU C 298 72.79 -3.54 -26.46
CA GLU C 298 73.62 -3.45 -27.64
C GLU C 298 74.22 -4.81 -28.03
N THR C 299 74.80 -5.52 -27.05
CA THR C 299 75.61 -6.71 -27.29
C THR C 299 74.80 -7.99 -27.04
N GLY C 300 73.73 -7.87 -26.23
CA GLY C 300 73.04 -9.05 -25.74
C GLY C 300 73.72 -9.74 -24.56
N THR C 301 74.79 -9.16 -23.99
CA THR C 301 75.60 -9.85 -23.00
C THR C 301 74.79 -10.03 -21.71
N ASN C 302 74.87 -11.24 -21.16
CA ASN C 302 74.28 -11.58 -19.89
C ASN C 302 75.07 -10.88 -18.77
N LEU C 303 74.40 -10.06 -17.97
CA LEU C 303 75.03 -9.26 -16.93
C LEU C 303 74.87 -9.89 -15.55
N PHE C 304 73.70 -10.46 -15.27
CA PHE C 304 73.30 -10.75 -13.90
C PHE C 304 72.14 -11.74 -13.89
N VAL C 305 72.12 -12.62 -12.89
CA VAL C 305 71.02 -13.55 -12.68
C VAL C 305 70.83 -13.68 -11.19
N ASN C 306 69.59 -13.54 -10.73
CA ASN C 306 69.24 -13.79 -9.33
C ASN C 306 67.74 -14.10 -9.23
N ARG C 307 67.28 -14.35 -8.02
CA ARG C 307 65.90 -14.68 -7.75
C ARG C 307 65.35 -13.64 -6.78
N ILE C 308 64.28 -12.95 -7.16
CA ILE C 308 63.75 -11.88 -6.33
C ILE C 308 62.52 -12.35 -5.56
N THR C 309 61.98 -13.55 -5.86
CA THR C 309 60.83 -14.08 -5.15
C THR C 309 60.76 -15.59 -5.39
N ALA C 310 60.25 -16.32 -4.39
CA ALA C 310 59.94 -17.73 -4.55
C ALA C 310 58.46 -17.94 -4.88
N GLU C 311 57.63 -16.90 -4.75
CA GLU C 311 56.23 -16.96 -5.17
C GLU C 311 56.07 -16.69 -6.67
N SER C 312 55.16 -17.42 -7.34
CA SER C 312 54.90 -17.27 -8.77
C SER C 312 54.54 -15.83 -9.15
N VAL C 313 55.21 -15.31 -10.19
CA VAL C 313 54.90 -14.03 -10.79
C VAL C 313 53.84 -14.25 -11.86
N PHE C 314 52.89 -13.30 -12.00
CA PHE C 314 51.84 -13.46 -12.99
C PHE C 314 51.75 -12.27 -13.96
N THR C 315 52.28 -11.10 -13.58
CA THR C 315 52.28 -9.96 -14.51
C THR C 315 53.37 -8.98 -14.14
N ALA C 316 53.67 -8.07 -15.07
CA ALA C 316 54.76 -7.11 -14.90
C ALA C 316 54.52 -5.90 -15.78
N ALA C 317 55.29 -4.85 -15.49
CA ALA C 317 55.22 -3.60 -16.23
C ALA C 317 56.55 -2.86 -16.13
N PRO C 318 56.75 -1.80 -16.94
CA PRO C 318 57.89 -0.91 -16.76
C PRO C 318 57.80 -0.24 -15.39
N TYR C 319 58.97 0.12 -14.85
CA TYR C 319 59.09 0.80 -13.59
C TYR C 319 59.96 2.04 -13.74
N ASN C 320 59.56 3.13 -13.09
CA ASN C 320 60.38 4.32 -12.87
C ASN C 320 60.88 4.93 -14.20
N HIS C 321 59.93 5.58 -14.92
CA HIS C 321 60.20 6.21 -16.20
C HIS C 321 60.77 5.17 -17.16
N GLU C 322 60.28 3.92 -17.06
CA GLU C 322 60.61 2.85 -17.99
C GLU C 322 62.08 2.44 -17.95
N ASN C 323 62.78 2.73 -16.84
CA ASN C 323 64.19 2.38 -16.71
C ASN C 323 64.38 1.06 -15.97
N GLY C 324 63.28 0.43 -15.52
CA GLY C 324 63.33 -0.81 -14.79
C GLY C 324 62.09 -1.67 -15.04
N ILE C 325 61.86 -2.63 -14.14
CA ILE C 325 60.75 -3.56 -14.23
C ILE C 325 60.06 -3.64 -12.86
N ALA C 326 58.73 -3.69 -12.84
CA ALA C 326 57.99 -4.07 -11.64
C ALA C 326 57.12 -5.28 -11.96
N CYS C 327 56.87 -6.14 -10.96
CA CYS C 327 56.09 -7.33 -11.16
C CYS C 327 55.15 -7.56 -9.96
N ILE C 328 54.16 -8.44 -10.17
CA ILE C 328 53.27 -8.85 -9.10
C ILE C 328 53.32 -10.37 -9.00
N ASN C 329 53.45 -10.88 -7.77
CA ASN C 329 53.41 -12.32 -7.51
C ASN C 329 52.05 -12.67 -6.88
N LYS C 330 51.81 -13.97 -6.72
CA LYS C 330 50.51 -14.50 -6.34
C LYS C 330 50.21 -14.25 -4.86
N LYS C 331 51.20 -13.78 -4.11
CA LYS C 331 51.00 -13.38 -2.74
C LYS C 331 50.63 -11.89 -2.70
N GLY C 332 50.60 -11.23 -3.85
CA GLY C 332 50.18 -9.85 -3.93
C GLY C 332 51.29 -8.84 -3.67
N GLN C 333 52.55 -9.31 -3.63
CA GLN C 333 53.68 -8.43 -3.50
C GLN C 333 53.99 -7.79 -4.85
N VAL C 334 54.11 -6.45 -4.87
CA VAL C 334 54.53 -5.74 -6.06
C VAL C 334 56.00 -5.35 -5.90
N LEU C 335 56.87 -5.98 -6.69
CA LEU C 335 58.30 -5.91 -6.53
C LEU C 335 58.91 -5.17 -7.71
N ALA C 336 59.97 -4.38 -7.45
CA ALA C 336 60.64 -3.59 -8.47
C ALA C 336 62.14 -3.85 -8.46
N VAL C 337 62.72 -3.91 -9.67
CA VAL C 337 64.15 -4.01 -9.88
C VAL C 337 64.55 -2.95 -10.90
N GLU C 338 65.61 -2.19 -10.61
CA GLU C 338 66.25 -1.38 -11.63
C GLU C 338 67.76 -1.37 -11.38
N ILE C 339 68.56 -1.18 -12.44
CA ILE C 339 70.00 -1.08 -12.25
C ILE C 339 70.30 0.04 -11.28
N SER C 340 71.39 -0.17 -10.51
CA SER C 340 72.01 0.88 -9.72
C SER C 340 72.92 1.69 -10.66
N THR C 341 72.63 2.98 -10.80
CA THR C 341 73.34 3.82 -11.75
C THR C 341 74.77 4.08 -11.27
N SER C 342 75.01 4.03 -9.96
CA SER C 342 76.36 4.24 -9.43
C SER C 342 77.20 2.95 -9.42
N GLN C 343 76.56 1.76 -9.40
CA GLN C 343 77.26 0.51 -9.19
C GLN C 343 77.34 -0.36 -10.44
N ILE C 344 76.56 -0.06 -11.49
CA ILE C 344 76.51 -0.95 -12.65
C ILE C 344 77.87 -0.97 -13.35
N VAL C 345 78.50 0.19 -13.57
CA VAL C 345 79.74 0.22 -14.32
C VAL C 345 80.86 -0.48 -13.53
N PRO C 346 81.08 -0.19 -12.23
CA PRO C 346 82.03 -0.95 -11.41
C PRO C 346 81.81 -2.47 -11.43
N TYR C 347 80.55 -2.90 -11.40
CA TYR C 347 80.24 -4.32 -11.41
C TYR C 347 80.72 -4.95 -12.73
N ILE C 348 80.41 -4.32 -13.87
CA ILE C 348 80.84 -4.84 -15.16
C ILE C 348 82.36 -4.87 -15.26
N LEU C 349 83.00 -3.82 -14.71
CA LEU C 349 84.44 -3.68 -14.79
C LEU C 349 85.11 -4.74 -13.93
N ASN C 350 84.65 -4.88 -12.67
CA ASN C 350 85.36 -5.67 -11.68
C ASN C 350 84.81 -7.08 -11.58
N LYS C 351 83.49 -7.28 -11.67
CA LYS C 351 82.92 -8.59 -11.45
C LYS C 351 82.80 -9.35 -12.77
N LEU C 352 82.50 -8.64 -13.86
CA LEU C 352 82.45 -9.26 -15.18
C LEU C 352 83.81 -9.18 -15.88
N SER C 353 84.75 -8.39 -15.33
CA SER C 353 86.07 -8.16 -15.90
C SER C 353 85.98 -7.80 -17.38
N ASN C 354 85.10 -6.88 -17.75
CA ASN C 354 84.78 -6.64 -19.15
C ASN C 354 84.87 -5.14 -19.43
N VAL C 355 86.08 -4.68 -19.76
CA VAL C 355 86.37 -3.26 -19.88
C VAL C 355 85.54 -2.66 -21.03
N ALA C 356 85.48 -3.38 -22.16
CA ALA C 356 84.81 -2.88 -23.35
C ALA C 356 83.30 -2.71 -23.11
N LEU C 357 82.67 -3.69 -22.45
CA LEU C 357 81.27 -3.62 -22.12
C LEU C 357 81.01 -2.51 -21.10
N ALA C 358 81.91 -2.36 -20.12
CA ALA C 358 81.77 -1.33 -19.11
C ALA C 358 81.70 0.05 -19.78
N LEU C 359 82.56 0.26 -20.79
CA LEU C 359 82.59 1.51 -21.54
C LEU C 359 81.31 1.73 -22.36
N ILE C 360 80.78 0.66 -22.95
CA ILE C 360 79.56 0.75 -23.73
C ILE C 360 78.45 1.26 -22.83
N VAL C 361 78.30 0.64 -21.65
CA VAL C 361 77.23 0.98 -20.73
C VAL C 361 77.43 2.39 -20.18
N ALA C 362 78.67 2.74 -19.81
CA ALA C 362 78.96 4.03 -19.19
C ALA C 362 78.66 5.16 -20.16
N THR C 363 79.02 4.96 -21.44
CA THR C 363 78.88 5.97 -22.47
C THR C 363 77.42 6.17 -22.83
N ARG C 364 76.66 5.08 -22.97
CA ARG C 364 75.25 5.16 -23.33
C ARG C 364 74.48 5.89 -22.26
N GLY C 365 74.77 5.60 -20.98
CA GLY C 365 73.97 6.09 -19.88
C GLY C 365 74.51 7.39 -19.26
N GLY C 366 75.68 7.87 -19.70
CA GLY C 366 76.35 8.98 -19.04
C GLY C 366 76.73 8.64 -17.59
N LEU C 367 77.16 7.39 -17.34
CA LEU C 367 77.30 6.86 -15.99
C LEU C 367 78.73 6.97 -15.51
N PRO C 368 78.94 7.00 -14.17
CA PRO C 368 80.29 7.02 -13.59
C PRO C 368 80.89 5.61 -13.45
N GLY C 369 82.23 5.57 -13.34
CA GLY C 369 82.96 4.36 -13.00
C GLY C 369 84.00 3.95 -14.05
N ALA C 370 84.09 4.69 -15.18
CA ALA C 370 84.95 4.29 -16.29
C ALA C 370 85.91 5.43 -16.70
N PRO D 2 -76.48 -14.10 28.20
CA PRO D 2 -76.00 -15.18 27.33
C PRO D 2 -74.47 -15.22 27.23
N ASP D 3 -73.83 -16.18 27.91
CA ASP D 3 -72.40 -16.19 28.11
C ASP D 3 -71.68 -16.23 26.78
N LEU D 4 -70.64 -15.39 26.59
CA LEU D 4 -69.91 -15.31 25.33
C LEU D 4 -68.93 -16.48 25.19
N ILE D 5 -68.69 -17.19 26.29
CA ILE D 5 -67.93 -18.43 26.23
C ILE D 5 -68.50 -19.38 27.28
N ASP D 6 -68.65 -20.66 26.92
CA ASP D 6 -69.27 -21.63 27.81
C ASP D 6 -68.21 -22.58 28.31
N LEU D 7 -67.92 -22.47 29.60
CA LEU D 7 -67.00 -23.37 30.26
C LEU D 7 -67.86 -24.54 30.80
N ASP E 3 -12.55 32.89 8.42
CA ASP E 3 -12.69 31.55 7.79
C ASP E 3 -12.71 31.71 6.29
N LEU E 4 -12.53 30.58 5.62
CA LEU E 4 -12.52 30.49 4.17
C LEU E 4 -13.85 29.99 3.65
N ILE E 5 -14.51 29.13 4.46
CA ILE E 5 -15.66 28.35 4.03
C ILE E 5 -16.48 28.00 5.26
N ASP E 6 -17.77 27.72 5.04
CA ASP E 6 -18.72 27.43 6.11
C ASP E 6 -18.72 25.94 6.43
N LEU E 7 -17.62 25.48 7.06
CA LEU E 7 -17.49 24.09 7.51
C LEU E 7 -16.89 24.03 8.93
N PRO F 2 -49.03 24.35 31.41
CA PRO F 2 -47.82 24.12 30.61
C PRO F 2 -47.74 22.66 30.14
N ASP F 3 -46.59 22.26 29.56
CA ASP F 3 -46.37 20.88 29.15
C ASP F 3 -46.28 20.00 30.39
N LEU F 4 -46.42 18.69 30.18
CA LEU F 4 -46.36 17.69 31.23
C LEU F 4 -44.93 17.21 31.45
N ILE F 5 -44.17 17.17 30.36
CA ILE F 5 -42.87 16.53 30.30
C ILE F 5 -42.08 17.17 29.16
N ASP F 6 -40.76 17.09 29.25
CA ASP F 6 -39.85 17.67 28.28
C ASP F 6 -39.63 16.70 27.12
N LEU F 7 -40.63 16.60 26.24
CA LEU F 7 -40.54 15.75 25.05
C LEU F 7 -41.16 16.41 23.80
N ILE G 1 23.82 12.19 -10.34
CA ILE G 1 23.50 10.99 -9.52
C ILE G 1 23.04 9.88 -10.47
N PRO G 2 23.19 8.58 -10.16
CA PRO G 2 22.68 7.55 -11.06
C PRO G 2 21.15 7.61 -11.13
N ASP G 3 20.63 7.30 -12.32
CA ASP G 3 19.21 7.16 -12.56
C ASP G 3 18.63 6.20 -11.53
N LEU G 4 17.48 6.53 -10.92
CA LEU G 4 16.83 5.68 -9.94
C LEU G 4 16.14 4.50 -10.64
N ILE G 5 16.05 4.57 -11.97
CA ILE G 5 15.54 3.45 -12.75
C ILE G 5 16.15 3.52 -14.15
N ASP G 6 16.51 2.35 -14.71
CA ASP G 6 17.20 2.29 -15.98
C ASP G 6 16.28 1.71 -17.03
N LEU G 7 15.96 2.50 -18.05
CA LEU G 7 14.91 2.16 -19.00
C LEU G 7 15.47 1.69 -20.35
N ILE H 1 22.56 0.88 -22.73
CA ILE H 1 22.89 0.12 -21.48
C ILE H 1 23.10 1.14 -20.36
N PRO H 2 22.86 0.80 -19.08
CA PRO H 2 23.40 1.59 -17.97
C PRO H 2 24.93 1.68 -18.00
N ASP H 3 25.45 2.76 -17.45
CA ASP H 3 26.88 2.95 -17.28
C ASP H 3 27.41 1.77 -16.48
N LEU H 4 28.52 1.17 -16.94
CA LEU H 4 29.14 0.06 -16.23
C LEU H 4 29.86 0.56 -14.96
N ILE H 5 30.05 1.88 -14.84
CA ILE H 5 30.56 2.45 -13.61
C ILE H 5 29.94 3.84 -13.44
N ASP H 6 29.54 4.18 -12.22
CA ASP H 6 28.82 5.42 -11.94
C ASP H 6 29.74 6.40 -11.21
N LEU H 7 30.21 7.41 -11.93
CA LEU H 7 31.21 8.33 -11.41
C LEU H 7 30.57 9.56 -10.76
N ASP I 3 59.11 -14.65 -45.51
CA ASP I 3 59.06 -14.27 -44.07
C ASP I 3 59.15 -12.76 -43.93
N LEU I 4 58.79 -12.32 -42.74
CA LEU I 4 58.77 -10.91 -42.38
C LEU I 4 60.10 -10.48 -41.78
N ILE I 5 60.74 -11.39 -41.02
CA ILE I 5 61.90 -11.06 -40.21
C ILE I 5 62.70 -12.32 -39.96
N ASP I 6 64.00 -12.15 -39.69
CA ASP I 6 64.91 -13.27 -39.53
C ASP I 6 64.84 -13.84 -38.11
N LEU I 7 63.73 -14.52 -37.81
CA LEU I 7 63.54 -15.16 -36.50
C LEU I 7 62.92 -16.57 -36.63
N ILE J 1 -60.27 4.21 8.59
CA ILE J 1 -58.86 3.90 8.99
C ILE J 1 -58.59 2.46 8.54
N PRO J 2 -57.72 2.26 7.53
CA PRO J 2 -57.25 0.91 7.20
C PRO J 2 -56.51 0.22 8.35
N ASP J 3 -56.25 -1.08 8.13
CA ASP J 3 -55.37 -1.84 9.00
C ASP J 3 -53.93 -1.56 8.61
N LEU J 4 -53.35 -0.48 9.17
CA LEU J 4 -52.06 0.02 8.72
C LEU J 4 -50.93 -0.87 9.21
N ILE J 5 -51.06 -1.39 10.44
CA ILE J 5 -50.00 -2.17 11.06
C ILE J 5 -49.74 -3.46 10.29
N ASP J 6 -50.74 -3.97 9.56
CA ASP J 6 -50.60 -5.19 8.79
C ASP J 6 -50.34 -4.95 7.30
N LEU J 7 -50.02 -3.73 6.85
CA LEU J 7 -49.85 -3.48 5.42
C LEU J 7 -48.69 -4.34 4.83
N ILE K 1 40.26 -23.77 -22.58
CA ILE K 1 41.69 -23.43 -22.29
C ILE K 1 41.83 -23.16 -20.80
N PRO K 2 42.60 -23.97 -20.02
CA PRO K 2 42.89 -23.62 -18.63
C PRO K 2 43.57 -22.26 -18.45
N ASP K 3 43.52 -21.77 -17.21
CA ASP K 3 44.32 -20.64 -16.79
C ASP K 3 45.76 -21.10 -16.55
N LEU K 4 46.54 -21.18 -17.62
CA LEU K 4 47.88 -21.79 -17.57
C LEU K 4 48.84 -20.91 -16.78
N ILE K 5 48.74 -19.59 -16.96
CA ILE K 5 49.72 -18.67 -16.42
C ILE K 5 49.67 -18.69 -14.90
N ASP K 6 48.51 -19.06 -14.33
CA ASP K 6 48.30 -19.04 -12.90
C ASP K 6 48.47 -20.43 -12.26
N LEU K 7 48.96 -21.44 -13.00
CA LEU K 7 49.10 -22.79 -12.45
C LEU K 7 50.03 -22.83 -11.20
N ILE L 1 5.47 8.64 14.26
CA ILE L 1 4.03 8.44 13.91
C ILE L 1 3.87 7.02 13.39
N PRO L 2 3.06 6.16 14.03
CA PRO L 2 2.82 4.82 13.50
C PRO L 2 2.05 4.83 12.18
N ASP L 3 2.07 3.68 11.50
CA ASP L 3 1.27 3.45 10.30
C ASP L 3 -0.18 3.18 10.71
N LEU L 4 -0.97 4.24 10.87
CA LEU L 4 -2.32 4.13 11.45
C LEU L 4 -3.29 3.54 10.45
N ILE L 5 -3.12 3.88 9.16
CA ILE L 5 -4.09 3.50 8.14
C ILE L 5 -4.08 1.99 7.92
N ASP L 6 -2.96 1.33 8.29
CA ASP L 6 -2.81 -0.09 8.07
C ASP L 6 -3.03 -0.92 9.34
N LEU L 7 -3.48 -0.31 10.45
CA LEU L 7 -3.65 -1.06 11.70
C LEU L 7 -4.63 -2.24 11.53
#